data_4ZNO
#
_entry.id   4ZNO
#
_cell.length_a   57.642
_cell.length_b   95.169
_cell.length_c   148.921
_cell.angle_alpha   90.00
_cell.angle_beta   90.00
_cell.angle_gamma   90.00
#
_symmetry.space_group_name_H-M   'P 21 21 21'
#
loop_
_entity.id
_entity.type
_entity.pdbx_description
1 polymer 'Natterin-like protein'
2 branched beta-D-fructofuranose-(2-1)-alpha-D-glucopyranose
3 non-polymer 'CHLORIDE ION'
4 non-polymer '4-(2-HYDROXYETHYL)-1-PIPERAZINE ETHANESULFONIC ACID'
5 water water
#
_entity_poly.entity_id   1
_entity_poly.type   'polypeptide(L)'
_entity_poly.pdbx_seq_one_letter_code
;MGSSHHHHHHSSGLVPRGSHMTYPTNLEIIGGQGGSSFSFTGENNGASLEKIWVWVGGWQIKAVRAWLSDGRDETFGVPS
GSHQEYVFTPGECFTSLSLWGNGAGTRLGAIKFKTNKGGEFFAHMTSWGLKTEYPMDVGSGYCLGIVGRGGSDIDCMGFM
FLNAVQSTVLTNVNYPTINQLIPKVATEEIKSVSFENKTSVKQEQKVETSKKVIKTSSWSMTKSFSSTFSVEVSAGIPEI
AEVSTGFSISFGVESTHSLEQTDEKNETLTTTVEVPPKKKVDVHITIGRASFDLPYTGTVKITCKNGSVLQYETKGQYKG
VAYTDIKVNTVEKDL
;
_entity_poly.pdbx_strand_id   A,B
#
loop_
_chem_comp.id
_chem_comp.type
_chem_comp.name
_chem_comp.formula
CL non-polymer 'CHLORIDE ION' 'Cl -1'
EPE non-polymer '4-(2-HYDROXYETHYL)-1-PIPERAZINE ETHANESULFONIC ACID' 'C8 H18 N2 O4 S'
FRU D-saccharide, beta linking beta-D-fructofuranose 'C6 H12 O6'
GLC D-saccharide, alpha linking alpha-D-glucopyranose 'C6 H12 O6'
#
# COMPACT_ATOMS: atom_id res chain seq x y z
N GLY A 18 -1.36 46.49 -15.02
CA GLY A 18 -1.30 45.10 -15.58
C GLY A 18 -0.95 43.97 -14.60
N SER A 19 -1.10 44.24 -13.30
CA SER A 19 -1.27 43.24 -12.24
C SER A 19 -2.23 42.10 -12.64
N HIS A 20 -1.79 40.87 -12.48
CA HIS A 20 -2.49 39.69 -13.00
C HIS A 20 -2.96 38.78 -11.85
N MET A 21 -4.27 38.50 -11.84
CA MET A 21 -4.89 37.65 -10.80
C MET A 21 -5.16 36.28 -11.35
N THR A 22 -4.80 35.24 -10.60
CA THR A 22 -5.26 33.88 -10.92
C THR A 22 -6.10 33.35 -9.76
N TYR A 23 -6.95 32.37 -10.06
CA TYR A 23 -7.96 31.88 -9.14
C TYR A 23 -7.96 30.38 -9.19
N PRO A 24 -8.35 29.73 -8.08
CA PRO A 24 -8.33 28.26 -8.07
C PRO A 24 -9.50 27.64 -8.85
N THR A 25 -10.50 28.44 -9.15
CA THR A 25 -11.63 27.98 -9.95
C THR A 25 -11.77 28.65 -11.30
N ASN A 26 -12.43 27.92 -12.18
CA ASN A 26 -12.60 28.30 -13.56
C ASN A 26 -14.08 28.21 -13.86
N LEU A 27 -14.68 29.31 -14.28
CA LEU A 27 -16.13 29.39 -14.43
C LEU A 27 -16.47 30.37 -15.54
N GLU A 28 -17.14 29.87 -16.58
CA GLU A 28 -17.60 30.71 -17.70
C GLU A 28 -19.10 30.57 -17.84
N ILE A 29 -19.81 31.68 -17.66
CA ILE A 29 -21.25 31.68 -17.60
C ILE A 29 -21.80 32.10 -18.95
N ILE A 30 -22.76 31.34 -19.47
CA ILE A 30 -23.33 31.61 -20.78
C ILE A 30 -24.82 31.83 -20.66
N GLY A 31 -25.34 32.86 -21.38
CA GLY A 31 -26.77 33.15 -21.39
C GLY A 31 -27.04 34.64 -21.13
N GLY A 32 -28.26 34.96 -20.71
CA GLY A 32 -28.71 36.34 -20.49
C GLY A 32 -28.58 36.77 -19.06
N GLN A 33 -29.21 37.91 -18.73
CA GLN A 33 -29.06 38.52 -17.41
C GLN A 33 -30.34 38.65 -16.63
N GLY A 34 -31.43 38.08 -17.12
CA GLY A 34 -32.61 37.99 -16.29
C GLY A 34 -32.45 36.99 -15.16
N GLY A 35 -33.54 36.77 -14.44
CA GLY A 35 -33.60 35.83 -13.33
C GLY A 35 -32.86 36.34 -12.12
N SER A 36 -32.67 35.44 -11.15
CA SER A 36 -32.00 35.77 -9.89
C SER A 36 -30.74 34.92 -9.81
N SER A 37 -29.65 35.51 -9.32
CA SER A 37 -28.41 34.74 -9.23
C SER A 37 -28.49 33.56 -8.25
N PHE A 38 -27.71 32.52 -8.56
CA PHE A 38 -27.57 31.38 -7.68
C PHE A 38 -26.15 30.90 -7.81
N SER A 39 -25.68 30.32 -6.71
CA SER A 39 -24.35 29.72 -6.71
C SER A 39 -24.45 28.47 -5.88
N PHE A 40 -24.10 27.34 -6.51
CA PHE A 40 -24.29 26.04 -5.93
C PHE A 40 -23.05 25.19 -6.18
N THR A 41 -22.04 25.34 -5.31
CA THR A 41 -20.71 24.80 -5.58
C THR A 41 -20.09 24.28 -4.29
N GLY A 42 -19.07 23.43 -4.45
CA GLY A 42 -18.39 22.85 -3.31
C GLY A 42 -17.12 23.60 -3.03
N GLU A 43 -17.04 24.85 -3.49
CA GLU A 43 -15.79 25.56 -3.44
C GLU A 43 -15.32 25.92 -2.03
N ASN A 44 -16.19 25.74 -1.04
CA ASN A 44 -15.82 25.99 0.35
C ASN A 44 -15.62 24.70 1.16
N ASN A 45 -15.96 23.54 0.60
CA ASN A 45 -15.72 22.24 1.24
C ASN A 45 -15.17 21.13 0.34
N GLY A 46 -14.76 21.45 -0.87
CA GLY A 46 -14.28 20.44 -1.84
C GLY A 46 -15.31 19.52 -2.43
N ALA A 47 -16.60 19.74 -2.17
CA ALA A 47 -17.64 18.86 -2.73
C ALA A 47 -17.71 19.00 -4.27
N SER A 48 -18.10 17.92 -4.94
CA SER A 48 -18.21 17.93 -6.37
C SER A 48 -19.62 17.64 -6.83
N LEU A 49 -19.87 17.99 -8.09
CA LEU A 49 -21.12 17.66 -8.77
C LEU A 49 -21.24 16.16 -8.95
N GLU A 50 -22.26 15.56 -8.35
CA GLU A 50 -22.41 14.11 -8.32
C GLU A 50 -23.52 13.65 -9.26
N LYS A 51 -24.52 14.50 -9.46
CA LYS A 51 -25.66 14.16 -10.28
C LYS A 51 -26.31 15.45 -10.82
N ILE A 52 -26.80 15.40 -12.05
CA ILE A 52 -27.48 16.55 -12.64
C ILE A 52 -28.68 16.08 -13.45
N TRP A 53 -29.79 16.79 -13.27
CA TRP A 53 -30.97 16.62 -14.10
C TRP A 53 -31.17 17.90 -14.85
N VAL A 54 -31.49 17.78 -16.14
CA VAL A 54 -31.72 18.95 -16.99
C VAL A 54 -33.07 18.78 -17.72
N TRP A 55 -33.89 19.83 -17.63
CA TRP A 55 -35.15 19.94 -18.35
C TRP A 55 -34.95 21.01 -19.43
N VAL A 56 -35.56 20.75 -20.58
CA VAL A 56 -35.39 21.61 -21.75
C VAL A 56 -36.75 22.15 -22.18
N GLY A 57 -36.71 23.30 -22.85
CA GLY A 57 -37.89 23.84 -23.51
C GLY A 57 -37.56 24.16 -24.93
N GLY A 58 -38.45 24.82 -25.63
CA GLY A 58 -38.21 25.08 -27.03
C GLY A 58 -37.09 26.04 -27.33
N TRP A 59 -36.92 27.03 -26.48
CA TRP A 59 -35.98 28.12 -26.71
C TRP A 59 -35.11 28.40 -25.47
N GLN A 60 -34.93 27.37 -24.66
CA GLN A 60 -34.18 27.48 -23.41
C GLN A 60 -33.89 26.13 -22.77
N ILE A 61 -32.85 26.12 -21.94
CA ILE A 61 -32.79 25.16 -20.83
C ILE A 61 -33.79 25.67 -19.80
N LYS A 62 -34.74 24.81 -19.46
CA LYS A 62 -35.80 25.12 -18.60
C LYS A 62 -35.45 25.09 -17.12
N ALA A 63 -34.68 24.10 -16.67
CA ALA A 63 -34.33 23.99 -15.28
C ALA A 63 -33.16 23.01 -15.15
N VAL A 64 -32.48 23.13 -14.02
CA VAL A 64 -31.39 22.22 -13.66
C VAL A 64 -31.54 21.88 -12.18
N ARG A 65 -31.45 20.58 -11.87
CA ARG A 65 -31.35 20.10 -10.50
C ARG A 65 -30.00 19.44 -10.34
N ALA A 66 -29.28 19.85 -9.29
CA ALA A 66 -27.93 19.36 -9.07
C ALA A 66 -27.77 18.79 -7.68
N TRP A 67 -26.98 17.72 -7.59
CA TRP A 67 -26.64 17.10 -6.31
C TRP A 67 -25.13 17.19 -6.18
N LEU A 68 -24.65 17.67 -5.03
CA LEU A 68 -23.22 17.69 -4.76
C LEU A 68 -22.86 16.50 -3.87
N SER A 69 -21.59 16.15 -3.86
CA SER A 69 -21.15 14.96 -3.12
C SER A 69 -21.29 15.06 -1.59
N ASP A 70 -21.55 16.25 -1.03
CA ASP A 70 -21.85 16.40 0.41
C ASP A 70 -23.32 16.24 0.75
N GLY A 71 -24.14 15.83 -0.22
CA GLY A 71 -25.54 15.62 0.01
C GLY A 71 -26.44 16.82 -0.25
N ARG A 72 -25.88 17.97 -0.64
CA ARG A 72 -26.73 19.11 -1.05
C ARG A 72 -27.43 18.82 -2.39
N ASP A 73 -28.62 19.37 -2.56
CA ASP A 73 -29.51 19.07 -3.68
C ASP A 73 -30.40 20.30 -3.87
N GLU A 74 -30.28 20.95 -5.01
CA GLU A 74 -31.07 22.16 -5.27
C GLU A 74 -31.50 22.22 -6.74
N THR A 75 -32.65 22.84 -6.97
CA THR A 75 -33.20 23.00 -8.31
C THR A 75 -33.25 24.48 -8.66
N PHE A 76 -32.84 24.83 -9.88
CA PHE A 76 -32.88 26.18 -10.42
C PHE A 76 -33.72 26.21 -11.67
N GLY A 77 -34.46 27.30 -11.88
CA GLY A 77 -35.53 27.29 -12.87
C GLY A 77 -36.69 26.41 -12.46
N VAL A 78 -37.69 26.30 -13.32
CA VAL A 78 -38.95 25.59 -13.00
C VAL A 78 -39.11 24.43 -13.98
N PRO A 79 -39.03 23.20 -13.47
CA PRO A 79 -39.06 22.08 -14.40
C PRO A 79 -40.36 22.01 -15.18
N SER A 80 -40.22 21.61 -16.42
CA SER A 80 -41.32 21.19 -17.26
C SER A 80 -40.88 20.02 -18.11
N GLY A 81 -41.79 19.08 -18.33
CA GLY A 81 -41.48 17.87 -19.07
C GLY A 81 -40.58 16.87 -18.34
N SER A 82 -40.02 15.97 -19.12
CA SER A 82 -39.08 14.97 -18.65
C SER A 82 -37.70 15.60 -18.47
N HIS A 83 -36.85 14.97 -17.67
CA HIS A 83 -35.46 15.40 -17.53
C HIS A 83 -34.49 14.39 -18.13
N GLN A 84 -33.32 14.88 -18.48
CA GLN A 84 -32.17 14.05 -18.77
C GLN A 84 -31.28 14.05 -17.55
N GLU A 85 -30.59 12.95 -17.31
CA GLU A 85 -29.77 12.79 -16.11
C GLU A 85 -28.36 12.46 -16.51
N TYR A 86 -27.41 12.98 -15.72
CA TYR A 86 -26.09 12.38 -15.65
C TYR A 86 -25.67 12.10 -14.21
N VAL A 87 -25.27 10.86 -13.93
CA VAL A 87 -24.79 10.44 -12.64
C VAL A 87 -23.28 10.28 -12.72
N PHE A 88 -22.55 11.06 -11.93
CA PHE A 88 -21.09 10.97 -11.92
C PHE A 88 -20.60 10.01 -10.83
N THR A 89 -19.68 9.11 -11.18
CA THR A 89 -19.10 8.23 -10.16
C THR A 89 -17.87 8.88 -9.55
N PRO A 90 -17.46 8.40 -8.36
CA PRO A 90 -16.25 8.95 -7.74
C PRO A 90 -15.03 8.86 -8.64
N GLY A 91 -14.33 9.96 -8.82
CA GLY A 91 -13.19 10.05 -9.75
C GLY A 91 -13.55 10.41 -11.18
N GLU A 92 -14.83 10.49 -11.53
CA GLU A 92 -15.22 10.80 -12.90
C GLU A 92 -15.13 12.30 -13.03
N CYS A 93 -14.30 12.78 -13.95
CA CYS A 93 -14.08 14.17 -14.20
C CYS A 93 -14.52 14.49 -15.62
N PHE A 94 -14.80 15.77 -15.88
CA PHE A 94 -15.09 16.24 -17.23
C PHE A 94 -13.79 16.17 -18.01
N THR A 95 -13.87 15.81 -19.28
CA THR A 95 -12.74 15.96 -20.21
C THR A 95 -13.01 17.12 -21.16
N SER A 96 -14.28 17.42 -21.42
CA SER A 96 -14.63 18.59 -22.22
C SER A 96 -16.04 19.08 -21.86
N LEU A 97 -16.29 20.35 -22.16
CA LEU A 97 -17.59 20.93 -21.95
C LEU A 97 -17.81 22.02 -23.01
N SER A 98 -18.99 22.04 -23.60
CA SER A 98 -19.46 23.22 -24.39
C SER A 98 -20.81 23.66 -23.91
N LEU A 99 -20.99 24.98 -23.87
CA LEU A 99 -22.31 25.58 -23.66
C LEU A 99 -22.74 26.37 -24.89
N TRP A 100 -24.05 26.44 -25.07
CA TRP A 100 -24.70 27.31 -26.04
C TRP A 100 -25.73 28.17 -25.31
N GLY A 101 -25.82 29.44 -25.71
CA GLY A 101 -26.98 30.24 -25.37
C GLY A 101 -28.14 29.80 -26.25
N ASN A 102 -29.27 30.52 -26.19
CA ASN A 102 -30.38 30.25 -27.12
C ASN A 102 -30.24 31.02 -28.45
N GLY A 103 -29.15 31.76 -28.62
CA GLY A 103 -28.89 32.50 -29.84
C GLY A 103 -29.35 33.95 -29.76
N ALA A 104 -30.22 34.26 -28.80
CA ALA A 104 -30.79 35.61 -28.63
C ALA A 104 -30.19 36.33 -27.44
N GLY A 105 -29.17 35.72 -26.82
CA GLY A 105 -28.63 36.28 -25.58
C GLY A 105 -29.53 36.35 -24.36
N THR A 106 -30.62 35.57 -24.33
CA THR A 106 -31.57 35.67 -23.22
C THR A 106 -31.68 34.44 -22.28
N ARG A 107 -31.16 33.31 -22.69
CA ARG A 107 -31.29 32.07 -21.92
C ARG A 107 -30.10 31.20 -22.24
N LEU A 108 -29.81 30.25 -21.36
CA LEU A 108 -28.93 29.15 -21.73
C LEU A 108 -29.73 28.27 -22.70
N GLY A 109 -29.04 27.71 -23.70
CA GLY A 109 -29.66 26.91 -24.77
C GLY A 109 -29.26 25.43 -24.79
N ALA A 110 -28.04 25.10 -24.39
CA ALA A 110 -27.57 23.69 -24.46
C ALA A 110 -26.34 23.47 -23.64
N ILE A 111 -26.16 22.21 -23.22
CA ILE A 111 -25.04 21.73 -22.42
C ILE A 111 -24.57 20.45 -23.09
N LYS A 112 -23.28 20.38 -23.41
CA LYS A 112 -22.69 19.17 -23.89
C LYS A 112 -21.41 18.90 -23.11
N PHE A 113 -21.23 17.67 -22.67
CA PHE A 113 -19.97 17.32 -22.05
C PHE A 113 -19.59 15.85 -22.24
N LYS A 114 -18.31 15.63 -22.02
CA LYS A 114 -17.72 14.30 -22.03
C LYS A 114 -16.89 14.11 -20.77
N THR A 115 -16.75 12.85 -20.31
CA THR A 115 -16.05 12.58 -19.08
C THR A 115 -14.91 11.60 -19.29
N ASN A 116 -14.06 11.51 -18.28
CA ASN A 116 -12.90 10.63 -18.32
C ASN A 116 -13.23 9.16 -18.12
N LYS A 117 -14.51 8.83 -17.94
CA LYS A 117 -14.95 7.43 -17.94
C LYS A 117 -15.64 7.06 -19.25
N GLY A 118 -15.53 7.91 -20.27
CA GLY A 118 -16.12 7.61 -21.56
C GLY A 118 -17.55 8.07 -21.78
N GLY A 119 -18.11 8.77 -20.80
CA GLY A 119 -19.48 9.22 -20.89
C GLY A 119 -19.60 10.45 -21.74
N GLU A 120 -20.78 10.64 -22.30
CA GLU A 120 -21.13 11.86 -23.01
C GLU A 120 -22.59 12.24 -22.67
N PHE A 121 -22.83 13.54 -22.60
CA PHE A 121 -24.15 14.07 -22.26
C PHE A 121 -24.45 15.30 -23.11
N PHE A 122 -25.66 15.38 -23.64
CA PHE A 122 -26.06 16.51 -24.47
C PHE A 122 -27.52 16.82 -24.24
N ALA A 123 -27.77 18.00 -23.70
CA ALA A 123 -29.14 18.48 -23.45
C ALA A 123 -29.31 19.82 -24.12
N HIS A 124 -30.40 19.96 -24.88
CA HIS A 124 -30.58 21.18 -25.67
C HIS A 124 -32.02 21.55 -25.89
N MET A 125 -32.23 22.86 -26.03
CA MET A 125 -33.52 23.38 -26.42
C MET A 125 -34.02 22.64 -27.67
N THR A 126 -35.32 22.49 -27.76
CA THR A 126 -35.93 21.61 -28.75
C THR A 126 -36.49 22.26 -30.04
N SER A 127 -36.73 23.57 -30.04
CA SER A 127 -37.38 24.24 -31.19
C SER A 127 -36.39 25.04 -32.01
N TRP A 128 -35.72 25.98 -31.37
CA TRP A 128 -34.76 26.80 -32.05
C TRP A 128 -33.49 26.03 -32.29
N GLY A 129 -32.91 26.21 -33.47
CA GLY A 129 -31.60 25.65 -33.81
C GLY A 129 -30.49 26.26 -32.96
N LEU A 130 -29.48 25.46 -32.65
CA LEU A 130 -28.28 25.95 -31.94
C LEU A 130 -27.37 26.83 -32.80
N LYS A 131 -26.83 27.88 -32.18
CA LYS A 131 -25.91 28.79 -32.86
C LYS A 131 -24.47 28.63 -32.37
N THR A 132 -23.91 29.68 -31.74
CA THR A 132 -22.49 29.69 -31.42
C THR A 132 -22.19 28.73 -30.25
N GLU A 133 -21.29 27.79 -30.49
CA GLU A 133 -20.81 26.88 -29.44
C GLU A 133 -19.74 27.59 -28.62
N TYR A 134 -19.76 27.45 -27.29
CA TYR A 134 -18.69 27.99 -26.43
C TYR A 134 -17.98 26.83 -25.72
N PRO A 135 -16.86 26.35 -26.27
CA PRO A 135 -16.08 25.31 -25.64
C PRO A 135 -15.31 25.85 -24.46
N MET A 136 -15.33 25.10 -23.36
CA MET A 136 -14.78 25.55 -22.11
C MET A 136 -13.54 24.76 -21.73
N ASP A 137 -12.63 25.41 -21.02
CA ASP A 137 -11.49 24.73 -20.37
C ASP A 137 -11.95 24.15 -19.03
N VAL A 138 -11.87 22.84 -18.88
CA VAL A 138 -12.41 22.22 -17.64
C VAL A 138 -11.41 22.17 -16.48
N GLY A 139 -10.24 22.75 -16.67
CA GLY A 139 -9.26 22.87 -15.61
C GLY A 139 -8.70 21.50 -15.27
N SER A 140 -8.82 21.14 -14.01
CA SER A 140 -8.47 19.78 -13.59
C SER A 140 -9.48 18.76 -14.08
N GLY A 141 -10.64 19.21 -14.52
CA GLY A 141 -11.77 18.30 -14.81
C GLY A 141 -12.73 18.03 -13.65
N TYR A 142 -12.36 18.46 -12.45
CA TYR A 142 -13.15 18.27 -11.25
C TYR A 142 -14.15 19.40 -11.13
N CYS A 143 -15.42 19.05 -11.27
CA CYS A 143 -16.50 20.02 -11.25
C CYS A 143 -17.06 20.26 -9.88
N LEU A 144 -16.93 21.48 -9.42
CA LEU A 144 -17.39 21.86 -8.07
C LEU A 144 -18.89 22.19 -7.99
N GLY A 145 -19.51 22.40 -9.14
CA GLY A 145 -20.94 22.75 -9.21
C GLY A 145 -21.26 23.73 -10.29
N ILE A 146 -22.32 24.49 -10.04
CA ILE A 146 -22.89 25.36 -11.05
C ILE A 146 -23.22 26.73 -10.44
N VAL A 147 -23.22 27.74 -11.30
CA VAL A 147 -23.42 29.13 -10.91
C VAL A 147 -24.16 29.77 -12.08
N GLY A 148 -25.12 30.62 -11.78
CA GLY A 148 -25.83 31.31 -12.83
C GLY A 148 -26.98 32.13 -12.29
N ARG A 149 -28.02 32.26 -13.12
CA ARG A 149 -29.22 33.00 -12.81
C ARG A 149 -30.43 32.19 -13.30
N GLY A 150 -31.42 32.04 -12.44
CA GLY A 150 -32.66 31.34 -12.80
C GLY A 150 -33.91 32.09 -12.40
N GLY A 151 -34.99 31.82 -13.13
CA GLY A 151 -36.31 32.29 -12.76
C GLY A 151 -37.32 31.22 -13.11
N SER A 152 -38.09 31.45 -14.16
CA SER A 152 -38.92 30.37 -14.69
C SER A 152 -38.00 29.36 -15.41
N ASP A 153 -36.93 29.88 -16.02
CA ASP A 153 -35.98 29.13 -16.83
C ASP A 153 -34.56 29.34 -16.31
N ILE A 154 -33.59 28.72 -16.98
CA ILE A 154 -32.17 29.00 -16.73
C ILE A 154 -31.78 30.15 -17.68
N ASP A 155 -31.71 31.31 -17.07
CA ASP A 155 -31.32 32.55 -17.74
C ASP A 155 -29.88 32.49 -18.23
N CYS A 156 -29.00 32.05 -17.33
CA CYS A 156 -27.64 31.77 -17.65
C CYS A 156 -27.05 30.76 -16.65
N MET A 157 -26.00 30.08 -17.11
CA MET A 157 -25.29 29.15 -16.25
C MET A 157 -23.89 28.87 -16.72
N GLY A 158 -23.06 28.51 -15.76
CA GLY A 158 -21.74 27.96 -16.02
C GLY A 158 -21.43 26.82 -15.06
N PHE A 159 -20.46 25.98 -15.44
CA PHE A 159 -20.00 24.93 -14.57
C PHE A 159 -18.69 25.42 -13.92
N MET A 160 -18.58 25.31 -12.61
CA MET A 160 -17.35 25.72 -11.91
C MET A 160 -16.41 24.53 -11.82
N PHE A 161 -15.20 24.69 -12.34
CA PHE A 161 -14.12 23.68 -12.15
C PHE A 161 -12.98 24.14 -11.28
N LEU A 162 -12.38 23.19 -10.56
CA LEU A 162 -11.10 23.44 -9.95
C LEU A 162 -10.07 23.48 -11.06
N ASN A 163 -9.23 24.52 -11.07
CA ASN A 163 -8.15 24.61 -12.05
C ASN A 163 -7.12 23.52 -11.82
N ALA A 164 -6.25 23.30 -12.81
CA ALA A 164 -5.27 22.21 -12.70
C ALA A 164 -4.47 22.35 -11.41
N VAL A 165 -4.21 21.20 -10.77
CA VAL A 165 -3.64 21.13 -9.43
C VAL A 165 -2.12 20.82 -9.48
N GLN A 166 -1.33 21.56 -8.72
CA GLN A 166 0.09 21.28 -8.49
C GLN A 166 0.22 20.28 -7.33
N SER A 167 -0.48 20.56 -6.24
CA SER A 167 -0.45 19.71 -5.06
C SER A 167 -1.76 19.80 -4.26
N THR A 168 -2.05 18.72 -3.56
CA THR A 168 -3.19 18.60 -2.68
CA THR A 168 -3.19 18.59 -2.67
C THR A 168 -2.69 17.98 -1.39
N VAL A 169 -2.77 18.74 -0.30
CA VAL A 169 -2.16 18.34 0.97
C VAL A 169 -3.20 18.43 2.08
N LEU A 170 -3.23 17.42 2.93
CA LEU A 170 -4.00 17.45 4.16
C LEU A 170 -2.97 17.81 5.21
N THR A 171 -3.17 18.96 5.86
CA THR A 171 -2.22 19.46 6.85
C THR A 171 -2.95 19.95 8.10
N ASN A 172 -2.19 20.54 9.04
CA ASN A 172 -2.76 21.03 10.30
CA ASN A 172 -2.74 21.02 10.31
C ASN A 172 -3.65 19.98 10.94
N VAL A 173 -3.15 18.74 11.03
CA VAL A 173 -3.95 17.63 11.53
C VAL A 173 -3.89 17.60 13.05
N ASN A 174 -5.07 17.53 13.65
CA ASN A 174 -5.18 17.33 15.08
CA ASN A 174 -5.22 17.36 15.08
C ASN A 174 -6.08 16.15 15.40
N TYR A 175 -5.84 15.54 16.56
CA TYR A 175 -6.68 14.46 17.03
C TYR A 175 -7.26 14.94 18.36
N PRO A 176 -8.47 15.50 18.32
CA PRO A 176 -8.96 16.22 19.50
C PRO A 176 -9.36 15.35 20.70
N THR A 177 -9.45 14.03 20.54
CA THR A 177 -9.69 13.10 21.66
C THR A 177 -8.44 12.30 22.11
N ILE A 178 -7.27 12.60 21.56
CA ILE A 178 -6.10 11.71 21.74
C ILE A 178 -5.68 11.57 23.22
N ASN A 179 -5.73 12.67 23.97
CA ASN A 179 -5.34 12.65 25.39
C ASN A 179 -6.31 11.88 26.27
N GLN A 180 -7.60 11.94 25.97
CA GLN A 180 -8.60 11.12 26.65
C GLN A 180 -8.49 9.62 26.39
N LEU A 181 -7.75 9.22 25.36
CA LEU A 181 -7.84 7.85 24.89
C LEU A 181 -6.91 6.86 25.64
N ILE A 182 -7.47 5.71 25.98
CA ILE A 182 -6.75 4.64 26.66
C ILE A 182 -6.62 3.51 25.63
N PRO A 183 -5.40 3.27 25.12
CA PRO A 183 -5.27 2.31 24.02
C PRO A 183 -5.21 0.89 24.54
N LYS A 184 -5.78 -0.05 23.79
CA LYS A 184 -5.66 -1.47 24.11
C LYS A 184 -4.40 -2.07 23.45
N VAL A 185 -3.43 -2.46 24.27
CA VAL A 185 -2.19 -3.05 23.77
C VAL A 185 -2.22 -4.58 23.89
N ALA A 186 -2.37 -5.27 22.77
CA ALA A 186 -2.28 -6.73 22.74
C ALA A 186 -0.81 -7.17 22.70
N THR A 187 -0.43 -8.11 23.56
CA THR A 187 0.93 -8.66 23.55
C THR A 187 1.09 -9.78 22.52
N GLU A 188 2.15 -9.69 21.72
CA GLU A 188 2.52 -10.75 20.79
C GLU A 188 3.80 -11.41 21.30
N GLU A 189 3.79 -12.74 21.32
CA GLU A 189 4.94 -13.52 21.78
C GLU A 189 5.93 -13.61 20.65
N ILE A 190 7.21 -13.35 20.92
CA ILE A 190 8.22 -13.49 19.89
C ILE A 190 9.07 -14.75 20.17
N LYS A 191 9.69 -14.80 21.34
CA LYS A 191 10.39 -16.01 21.76
C LYS A 191 10.65 -16.10 23.25
N SER A 192 10.85 -17.33 23.69
CA SER A 192 11.25 -17.64 25.04
C SER A 192 12.47 -18.54 24.98
N VAL A 193 13.48 -18.22 25.77
CA VAL A 193 14.67 -19.07 25.91
C VAL A 193 14.95 -19.31 27.39
N SER A 194 15.47 -20.49 27.73
CA SER A 194 15.82 -20.80 29.10
C SER A 194 17.32 -21.08 29.20
N PHE A 195 17.95 -20.56 30.25
CA PHE A 195 19.36 -20.88 30.53
C PHE A 195 19.48 -21.41 31.96
N GLU A 196 20.46 -22.27 32.20
CA GLU A 196 20.81 -22.69 33.56
C GLU A 196 22.32 -22.60 33.79
N ASN A 197 22.70 -22.09 34.96
CA ASN A 197 24.12 -21.92 35.29
C ASN A 197 24.55 -22.90 36.37
N LYS A 198 25.14 -24.02 35.94
CA LYS A 198 25.60 -25.10 36.81
C LYS A 198 26.76 -24.70 37.71
N THR A 199 27.57 -23.75 37.25
CA THR A 199 28.76 -23.33 38.00
C THR A 199 28.40 -22.41 39.18
N SER A 200 29.43 -22.05 39.94
CA SER A 200 29.32 -21.16 41.09
C SER A 200 29.71 -19.71 40.74
N VAL A 201 29.79 -19.43 39.43
CA VAL A 201 30.25 -18.13 38.94
C VAL A 201 29.28 -17.54 37.90
N LYS A 202 29.20 -16.21 37.83
CA LYS A 202 28.35 -15.52 36.86
C LYS A 202 28.50 -16.08 35.45
N GLN A 203 27.40 -16.06 34.69
CA GLN A 203 27.46 -16.30 33.25
C GLN A 203 26.68 -15.22 32.50
N GLU A 204 27.03 -15.04 31.23
CA GLU A 204 26.30 -14.11 30.36
C GLU A 204 25.96 -14.78 29.02
N GLN A 205 24.73 -14.56 28.57
CA GLN A 205 24.20 -15.16 27.32
C GLN A 205 23.68 -14.05 26.41
N LYS A 206 24.07 -14.11 25.14
CA LYS A 206 23.60 -13.13 24.16
C LYS A 206 22.31 -13.67 23.52
N VAL A 207 21.26 -12.86 23.49
CA VAL A 207 20.00 -13.24 22.85
C VAL A 207 19.65 -12.19 21.80
N GLU A 208 19.50 -12.64 20.56
CA GLU A 208 19.11 -11.79 19.46
C GLU A 208 17.68 -12.08 19.04
N THR A 209 16.93 -11.02 18.78
CA THR A 209 15.52 -11.15 18.43
C THR A 209 15.26 -10.37 17.17
N SER A 210 14.45 -10.93 16.28
CA SER A 210 13.88 -10.19 15.16
C SER A 210 12.39 -10.47 15.00
N LYS A 211 11.68 -9.49 14.47
CA LYS A 211 10.24 -9.58 14.36
C LYS A 211 9.73 -8.57 13.33
N LYS A 212 8.91 -9.05 12.40
CA LYS A 212 8.31 -8.19 11.42
C LYS A 212 7.17 -7.41 12.04
N VAL A 213 7.22 -6.10 11.90
CA VAL A 213 6.11 -5.25 12.36
C VAL A 213 5.60 -4.46 11.16
N ILE A 214 4.28 -4.37 11.08
CA ILE A 214 3.59 -3.65 10.02
C ILE A 214 2.77 -2.51 10.64
N LYS A 215 3.27 -1.29 10.50
CA LYS A 215 2.59 -0.10 11.06
C LYS A 215 1.76 0.48 9.94
N THR A 216 0.54 0.93 10.28
CA THR A 216 -0.37 1.46 9.27
C THR A 216 -1.00 2.75 9.76
N SER A 217 -1.28 3.63 8.80
CA SER A 217 -1.99 4.90 9.04
C SER A 217 -3.02 5.09 7.93
N SER A 218 -4.19 5.62 8.30
CA SER A 218 -5.31 5.79 7.39
C SER A 218 -6.01 7.08 7.81
N TRP A 219 -6.08 8.07 6.92
CA TRP A 219 -6.95 9.24 7.21
C TRP A 219 -8.11 9.20 6.23
N SER A 220 -9.34 9.09 6.73
CA SER A 220 -10.45 8.96 5.80
C SER A 220 -10.69 10.28 5.02
N MET A 221 -11.26 10.16 3.82
CA MET A 221 -11.51 11.32 2.97
C MET A 221 -12.67 11.01 2.06
N THR A 222 -13.48 12.01 1.72
CA THR A 222 -14.56 11.84 0.75
C THR A 222 -13.99 11.22 -0.50
N LYS A 223 -14.71 10.22 -1.02
CA LYS A 223 -14.15 9.36 -2.03
C LYS A 223 -14.06 10.10 -3.36
N SER A 224 -14.97 11.04 -3.60
CA SER A 224 -14.89 11.82 -4.83
C SER A 224 -13.54 12.57 -4.89
N PHE A 225 -13.20 13.27 -3.82
CA PHE A 225 -11.96 14.05 -3.82
C PHE A 225 -10.73 13.15 -3.88
N SER A 226 -10.70 12.10 -3.06
CA SER A 226 -9.52 11.22 -2.99
C SER A 226 -9.33 10.32 -4.21
N SER A 227 -10.40 9.99 -4.93
CA SER A 227 -10.25 9.29 -6.22
C SER A 227 -9.72 10.17 -7.31
N THR A 228 -9.95 11.48 -7.24
CA THR A 228 -9.51 12.37 -8.28
C THR A 228 -8.12 12.93 -8.05
N PHE A 229 -7.77 13.17 -6.79
CA PHE A 229 -6.49 13.81 -6.45
C PHE A 229 -5.59 12.90 -5.60
N SER A 230 -4.29 13.08 -5.73
CA SER A 230 -3.32 12.40 -4.88
C SER A 230 -3.10 13.25 -3.66
N VAL A 231 -3.72 12.87 -2.54
CA VAL A 231 -3.65 13.66 -1.35
C VAL A 231 -2.45 13.24 -0.53
N GLU A 232 -1.50 14.14 -0.36
CA GLU A 232 -0.39 13.97 0.58
C GLU A 232 -0.86 14.39 1.95
N VAL A 233 -0.38 13.70 2.98
CA VAL A 233 -0.67 14.07 4.37
C VAL A 233 0.57 14.60 5.04
N SER A 234 0.49 15.81 5.59
CA SER A 234 1.52 16.35 6.45
C SER A 234 1.03 16.30 7.91
N ALA A 235 1.47 15.29 8.65
CA ALA A 235 0.90 15.06 10.00
C ALA A 235 1.85 14.29 10.90
N GLY A 236 1.62 14.44 12.20
CA GLY A 236 2.13 13.54 13.21
C GLY A 236 1.24 12.31 13.31
N ILE A 237 1.90 11.19 13.61
CA ILE A 237 1.30 9.86 13.71
C ILE A 237 1.19 9.53 15.20
N PRO A 238 0.01 9.11 15.67
CA PRO A 238 -0.10 8.56 17.02
C PRO A 238 0.87 7.38 17.21
N GLU A 239 1.57 7.36 18.34
CA GLU A 239 2.53 6.29 18.67
C GLU A 239 2.29 5.80 20.09
N ILE A 240 2.66 4.54 20.34
CA ILE A 240 2.60 3.94 21.67
C ILE A 240 3.99 3.77 22.23
N ALA A 241 4.14 4.13 23.51
CA ALA A 241 5.26 3.68 24.34
C ALA A 241 4.70 3.12 25.66
N GLU A 242 5.38 2.10 26.21
CA GLU A 242 4.99 1.49 27.48
C GLU A 242 5.53 2.28 28.69
N VAL A 243 4.71 3.20 29.21
CA VAL A 243 5.05 3.95 30.44
C VAL A 243 4.82 3.04 31.65
N SER A 244 5.54 3.29 32.73
CA SER A 244 5.47 2.44 33.93
C SER A 244 4.07 2.37 34.57
N THR A 245 3.28 3.44 34.45
CA THR A 245 1.94 3.52 35.05
C THR A 245 0.79 3.30 34.04
N GLY A 246 1.12 2.85 32.83
CA GLY A 246 0.12 2.56 31.80
C GLY A 246 0.64 2.61 30.37
N PHE A 247 -0.28 2.85 29.43
CA PHE A 247 0.05 3.08 28.02
C PHE A 247 -0.56 4.41 27.58
N SER A 248 0.26 5.33 27.09
CA SER A 248 -0.24 6.61 26.57
C SER A 248 -0.05 6.69 25.06
N ILE A 249 -1.02 7.29 24.38
CA ILE A 249 -0.97 7.47 22.94
C ILE A 249 -0.30 8.80 22.63
N SER A 250 1.01 8.78 22.49
CA SER A 250 1.77 9.96 22.09
C SER A 250 1.47 10.40 20.64
N PHE A 251 1.29 11.71 20.46
CA PHE A 251 0.97 12.33 19.17
C PHE A 251 2.33 12.72 18.60
N GLY A 252 2.91 11.86 17.75
CA GLY A 252 4.31 11.95 17.34
C GLY A 252 4.75 13.13 16.48
N VAL A 253 5.92 13.00 15.84
CA VAL A 253 6.56 14.07 15.04
C VAL A 253 5.97 14.22 13.64
N GLU A 254 5.88 15.45 13.14
CA GLU A 254 5.27 15.71 11.83
C GLU A 254 6.14 15.32 10.62
N SER A 255 5.52 14.65 9.64
CA SER A 255 6.19 14.26 8.40
C SER A 255 5.15 13.98 7.30
N THR A 256 5.62 13.65 6.11
CA THR A 256 4.73 13.40 4.97
C THR A 256 4.37 11.93 4.79
N HIS A 257 3.08 11.70 4.53
CA HIS A 257 2.52 10.38 4.28
C HIS A 257 1.51 10.43 3.15
N SER A 258 1.07 9.25 2.74
CA SER A 258 -0.07 9.09 1.85
C SER A 258 -1.30 8.87 2.72
N LEU A 259 -2.50 8.97 2.14
CA LEU A 259 -3.75 8.82 2.90
C LEU A 259 -3.92 7.47 3.54
N GLU A 260 -3.48 6.46 2.81
CA GLU A 260 -3.38 5.10 3.32
C GLU A 260 -1.89 4.77 3.24
N GLN A 261 -1.29 4.46 4.36
CA GLN A 261 0.13 4.25 4.43
C GLN A 261 0.42 3.01 5.26
N THR A 262 1.40 2.25 4.78
CA THR A 262 1.87 1.03 5.44
C THR A 262 3.38 1.08 5.45
N ASP A 263 3.97 0.76 6.60
CA ASP A 263 5.43 0.72 6.72
C ASP A 263 5.81 -0.58 7.47
N GLU A 264 6.35 -1.54 6.72
CA GLU A 264 6.91 -2.78 7.26
C GLU A 264 8.39 -2.62 7.64
N LYS A 265 8.80 -3.24 8.74
CA LYS A 265 10.23 -3.50 8.95
C LYS A 265 10.49 -4.71 9.85
N ASN A 266 11.75 -5.13 9.87
CA ASN A 266 12.21 -6.20 10.75
C ASN A 266 12.71 -5.49 12.00
N GLU A 267 11.92 -5.51 13.04
CA GLU A 267 12.30 -4.88 14.30
C GLU A 267 13.24 -5.85 15.03
N THR A 268 14.34 -5.34 15.59
CA THR A 268 15.36 -6.19 16.20
C THR A 268 15.88 -5.68 17.54
N LEU A 269 16.48 -6.60 18.30
CA LEU A 269 17.02 -6.32 19.62
C LEU A 269 18.12 -7.32 19.95
N THR A 270 19.16 -6.83 20.59
CA THR A 270 20.21 -7.68 21.15
C THR A 270 20.23 -7.47 22.65
N THR A 271 20.14 -8.57 23.38
CA THR A 271 20.03 -8.56 24.82
C THR A 271 21.13 -9.41 25.38
N THR A 272 21.80 -8.95 26.44
CA THR A 272 22.78 -9.78 27.12
C THR A 272 22.12 -10.17 28.43
N VAL A 273 22.00 -11.46 28.66
CA VAL A 273 21.24 -11.97 29.80
C VAL A 273 22.23 -12.42 30.85
N GLU A 274 22.02 -12.01 32.10
CA GLU A 274 22.88 -12.43 33.20
C GLU A 274 22.27 -13.68 33.81
N VAL A 275 23.09 -14.73 33.87
CA VAL A 275 22.69 -16.00 34.48
C VAL A 275 23.58 -16.21 35.71
N PRO A 276 23.06 -15.88 36.91
CA PRO A 276 23.84 -16.04 38.14
C PRO A 276 24.14 -17.51 38.45
N PRO A 277 25.07 -17.77 39.40
CA PRO A 277 25.43 -19.16 39.71
C PRO A 277 24.29 -19.94 40.37
N LYS A 278 24.21 -21.23 40.08
CA LYS A 278 23.18 -22.12 40.65
C LYS A 278 21.79 -21.53 40.42
N LYS A 279 21.60 -20.97 39.23
CA LYS A 279 20.33 -20.35 38.87
C LYS A 279 19.92 -20.70 37.44
N LYS A 280 18.62 -20.81 37.21
CA LYS A 280 18.10 -20.82 35.87
C LYS A 280 17.32 -19.53 35.58
N VAL A 281 17.49 -19.02 34.37
CA VAL A 281 16.86 -17.78 33.95
C VAL A 281 16.03 -18.11 32.72
N ASP A 282 14.76 -17.76 32.78
CA ASP A 282 13.84 -17.83 31.65
C ASP A 282 13.69 -16.42 31.10
N VAL A 283 13.89 -16.28 29.78
CA VAL A 283 13.81 -15.00 29.12
C VAL A 283 12.60 -15.01 28.19
N HIS A 284 11.70 -14.05 28.38
CA HIS A 284 10.47 -14.00 27.60
C HIS A 284 10.45 -12.70 26.83
N ILE A 285 10.42 -12.82 25.50
CA ILE A 285 10.53 -11.68 24.60
C ILE A 285 9.22 -11.45 23.85
N THR A 286 8.71 -10.22 23.97
CA THR A 286 7.41 -9.87 23.44
C THR A 286 7.39 -8.50 22.76
N ILE A 287 6.28 -8.23 22.10
CA ILE A 287 6.03 -6.89 21.56
C ILE A 287 4.54 -6.57 21.72
N GLY A 288 4.23 -5.29 21.93
CA GLY A 288 2.86 -4.83 22.07
C GLY A 288 2.32 -4.20 20.80
N ARG A 289 1.09 -4.54 20.48
CA ARG A 289 0.43 -4.04 19.29
C ARG A 289 -0.81 -3.26 19.69
N ALA A 290 -1.02 -2.09 19.09
CA ALA A 290 -2.22 -1.29 19.37
C ALA A 290 -2.87 -0.84 18.09
N SER A 291 -4.21 -0.92 18.08
CA SER A 291 -5.03 -0.32 17.04
C SER A 291 -5.70 0.97 17.53
N PHE A 292 -5.34 2.10 16.93
CA PHE A 292 -6.08 3.36 17.09
C PHE A 292 -7.22 3.48 16.10
N ASP A 293 -8.29 4.11 16.56
CA ASP A 293 -9.45 4.37 15.75
C ASP A 293 -9.92 5.63 16.40
N LEU A 294 -9.66 6.79 15.79
CA LEU A 294 -9.96 8.08 16.42
C LEU A 294 -10.22 9.23 15.42
N PRO A 295 -11.05 10.22 15.82
CA PRO A 295 -11.35 11.36 14.94
C PRO A 295 -10.16 12.26 14.71
N TYR A 296 -10.07 12.83 13.50
CA TYR A 296 -9.14 13.89 13.27
C TYR A 296 -9.84 15.09 12.60
N THR A 297 -9.19 16.23 12.69
CA THR A 297 -9.57 17.40 11.94
C THR A 297 -8.30 17.88 11.25
N GLY A 298 -8.48 18.55 10.12
CA GLY A 298 -7.38 19.19 9.46
C GLY A 298 -7.80 20.15 8.40
N THR A 299 -6.81 20.60 7.62
CA THR A 299 -6.98 21.58 6.55
C THR A 299 -6.52 20.95 5.23
N VAL A 300 -7.41 20.92 4.26
CA VAL A 300 -7.07 20.54 2.91
C VAL A 300 -6.57 21.79 2.20
N LYS A 301 -5.36 21.72 1.67
CA LYS A 301 -4.76 22.82 0.91
C LYS A 301 -4.46 22.38 -0.51
N ILE A 302 -5.23 22.95 -1.44
CA ILE A 302 -5.03 22.70 -2.83
C ILE A 302 -4.25 23.87 -3.39
N THR A 303 -3.11 23.59 -4.01
CA THR A 303 -2.36 24.61 -4.73
C THR A 303 -2.43 24.33 -6.22
N CYS A 304 -2.96 25.28 -6.96
CA CYS A 304 -3.12 25.12 -8.40
C CYS A 304 -1.83 25.44 -9.12
N LYS A 305 -1.71 24.89 -10.31
CA LYS A 305 -0.61 25.19 -11.21
C LYS A 305 -0.45 26.68 -11.44
N ASN A 306 -1.55 27.41 -11.44
CA ASN A 306 -1.49 28.84 -11.69
C ASN A 306 -1.09 29.69 -10.49
N GLY A 307 -0.73 29.06 -9.38
CA GLY A 307 -0.23 29.74 -8.19
C GLY A 307 -1.25 29.98 -7.10
N SER A 308 -2.55 29.88 -7.43
CA SER A 308 -3.61 30.14 -6.46
C SER A 308 -3.84 28.93 -5.58
N VAL A 309 -4.59 29.17 -4.52
CA VAL A 309 -4.84 28.14 -3.53
CA VAL A 309 -4.83 28.17 -3.47
C VAL A 309 -6.31 28.10 -3.13
N LEU A 310 -6.80 26.89 -2.88
CA LEU A 310 -8.11 26.70 -2.29
C LEU A 310 -7.90 25.87 -1.06
N GLN A 311 -8.36 26.37 0.07
CA GLN A 311 -8.31 25.57 1.26
C GLN A 311 -9.59 25.56 2.05
N TYR A 312 -9.74 24.50 2.83
CA TYR A 312 -10.95 24.30 3.62
C TYR A 312 -10.67 23.30 4.72
N GLU A 313 -11.46 23.41 5.79
CA GLU A 313 -11.34 22.55 6.94
C GLU A 313 -12.06 21.25 6.69
N THR A 314 -11.53 20.17 7.23
CA THR A 314 -12.13 18.87 7.06
C THR A 314 -12.02 18.07 8.35
N LYS A 315 -12.79 17.01 8.41
CA LYS A 315 -12.72 16.09 9.53
C LYS A 315 -13.00 14.67 9.05
N GLY A 316 -12.42 13.71 9.76
CA GLY A 316 -12.61 12.34 9.38
C GLY A 316 -12.20 11.43 10.52
N GLN A 317 -11.94 10.18 10.16
CA GLN A 317 -11.47 9.19 11.11
C GLN A 317 -10.06 8.77 10.73
N TYR A 318 -9.18 8.69 11.74
CA TYR A 318 -7.85 8.15 11.57
C TYR A 318 -7.87 6.73 12.12
N LYS A 319 -7.27 5.80 11.38
CA LYS A 319 -7.07 4.46 11.91
C LYS A 319 -5.60 4.13 11.80
N GLY A 320 -5.06 3.59 12.89
CA GLY A 320 -3.62 3.39 13.01
C GLY A 320 -3.34 2.03 13.64
N VAL A 321 -2.24 1.41 13.23
CA VAL A 321 -1.73 0.23 13.93
C VAL A 321 -0.30 0.59 14.28
N ALA A 322 0.01 0.45 15.56
CA ALA A 322 1.28 0.89 16.10
C ALA A 322 1.81 -0.12 17.12
N TYR A 323 3.12 -0.14 17.29
CA TYR A 323 3.75 -1.14 18.14
C TYR A 323 4.63 -0.49 19.16
N THR A 324 4.78 -1.16 20.30
CA THR A 324 5.78 -0.80 21.28
C THR A 324 7.13 -1.28 20.83
N ASP A 325 8.15 -0.93 21.59
CA ASP A 325 9.44 -1.57 21.44
C ASP A 325 9.34 -3.05 21.85
N ILE A 326 10.31 -3.83 21.40
CA ILE A 326 10.47 -5.21 21.83
C ILE A 326 10.77 -5.19 23.33
N LYS A 327 10.10 -6.06 24.09
CA LYS A 327 10.25 -6.10 25.53
C LYS A 327 10.85 -7.42 25.96
N VAL A 328 11.79 -7.34 26.91
CA VAL A 328 12.46 -8.50 27.48
C VAL A 328 12.10 -8.59 28.95
N ASN A 329 11.63 -9.76 29.36
CA ASN A 329 11.31 -10.04 30.75
C ASN A 329 12.09 -11.29 31.13
N THR A 330 12.86 -11.23 32.22
CA THR A 330 13.63 -12.37 32.68
C THR A 330 13.12 -12.80 34.04
N VAL A 331 12.86 -14.09 34.19
CA VAL A 331 12.38 -14.70 35.42
C VAL A 331 13.44 -15.68 35.95
N GLU A 332 14.00 -15.35 37.11
CA GLU A 332 15.11 -16.11 37.70
C GLU A 332 14.60 -17.17 38.71
N LYS A 333 15.15 -18.39 38.62
CA LYS A 333 14.86 -19.47 39.58
C LYS A 333 16.16 -20.18 39.98
N ASP A 334 16.11 -20.98 41.06
CA ASP A 334 17.34 -21.43 41.74
C ASP A 334 17.89 -22.82 41.40
N LEU A 335 17.19 -23.59 40.57
CA LEU A 335 17.81 -24.82 40.05
C LEU A 335 18.87 -24.44 39.03
N GLY B 18 41.73 -16.07 18.52
CA GLY B 18 40.48 -15.54 19.17
C GLY B 18 39.43 -14.93 18.24
N SER B 19 39.50 -15.23 16.95
CA SER B 19 38.48 -14.77 16.01
C SER B 19 37.13 -15.35 16.40
N HIS B 20 36.07 -14.65 16.01
CA HIS B 20 34.72 -15.03 16.41
C HIS B 20 33.89 -15.33 15.15
N MET B 21 33.29 -16.51 15.14
CA MET B 21 32.60 -17.00 13.97
C MET B 21 31.11 -17.04 14.28
N THR B 22 30.30 -16.48 13.39
CA THR B 22 28.84 -16.57 13.52
C THR B 22 28.28 -17.17 12.22
N TYR B 23 27.05 -17.67 12.30
CA TYR B 23 26.45 -18.38 11.20
C TYR B 23 25.02 -17.95 11.08
N PRO B 24 24.44 -18.11 9.89
CA PRO B 24 23.07 -17.60 9.74
C PRO B 24 22.01 -18.58 10.22
N THR B 25 22.38 -19.83 10.51
CA THR B 25 21.42 -20.80 11.00
C THR B 25 21.86 -21.31 12.37
N ASN B 26 20.86 -21.75 13.14
CA ASN B 26 20.99 -22.21 14.49
C ASN B 26 20.44 -23.64 14.51
N LEU B 27 21.25 -24.58 14.96
CA LEU B 27 20.88 -25.99 14.89
C LEU B 27 21.56 -26.70 16.05
N GLU B 28 20.75 -27.34 16.89
CA GLU B 28 21.25 -28.10 18.02
C GLU B 28 20.63 -29.48 17.92
N ILE B 29 21.48 -30.48 17.67
CA ILE B 29 21.06 -31.87 17.43
C ILE B 29 21.12 -32.71 18.73
N ILE B 30 20.02 -33.39 19.05
CA ILE B 30 19.92 -34.17 20.27
C ILE B 30 19.66 -35.61 19.92
N GLY B 31 20.39 -36.52 20.60
CA GLY B 31 20.20 -37.95 20.46
C GLY B 31 21.53 -38.69 20.33
N GLY B 32 21.50 -39.86 19.72
CA GLY B 32 22.68 -40.74 19.60
C GLY B 32 23.37 -40.62 18.27
N GLN B 33 24.35 -41.48 18.04
CA GLN B 33 25.14 -41.42 16.83
C GLN B 33 24.89 -42.53 15.84
N GLY B 34 23.91 -43.39 16.10
CA GLY B 34 23.62 -44.46 15.15
C GLY B 34 22.97 -43.93 13.89
N GLY B 35 22.51 -44.84 13.05
CA GLY B 35 21.84 -44.51 11.81
C GLY B 35 22.70 -43.79 10.78
N SER B 36 22.03 -43.21 9.78
CA SER B 36 22.65 -42.48 8.69
C SER B 36 22.21 -41.01 8.70
N SER B 37 23.14 -40.13 8.34
CA SER B 37 22.88 -38.67 8.30
C SER B 37 21.80 -38.30 7.31
N PHE B 38 21.00 -37.30 7.69
CA PHE B 38 20.08 -36.65 6.75
C PHE B 38 20.08 -35.16 7.02
N SER B 39 19.75 -34.40 5.99
CA SER B 39 19.65 -32.96 6.09
C SER B 39 18.55 -32.57 5.16
N PHE B 40 17.51 -31.96 5.71
CA PHE B 40 16.31 -31.69 4.96
C PHE B 40 15.87 -30.27 5.33
N THR B 41 16.46 -29.29 4.65
CA THR B 41 16.32 -27.87 5.02
C THR B 41 16.20 -26.96 3.81
N GLY B 42 15.67 -25.76 4.04
CA GLY B 42 15.49 -24.78 2.99
C GLY B 42 16.63 -23.79 2.98
N GLU B 43 17.77 -24.20 3.51
CA GLU B 43 18.89 -23.30 3.63
C GLU B 43 19.55 -23.00 2.28
N ASN B 44 19.04 -23.58 1.19
CA ASN B 44 19.51 -23.21 -0.14
CA ASN B 44 19.50 -23.27 -0.18
C ASN B 44 18.47 -22.51 -1.03
N ASN B 45 17.23 -22.39 -0.54
CA ASN B 45 16.19 -21.68 -1.26
C ASN B 45 15.12 -21.01 -0.34
N GLY B 46 15.49 -20.67 0.88
CA GLY B 46 14.53 -20.09 1.83
C GLY B 46 13.26 -20.83 2.20
N ALA B 47 13.13 -22.10 1.80
CA ALA B 47 11.91 -22.85 2.17
C ALA B 47 11.88 -23.08 3.66
N SER B 48 10.67 -23.16 4.23
CA SER B 48 10.50 -23.36 5.65
C SER B 48 9.75 -24.65 5.87
N LEU B 49 9.81 -25.14 7.10
CA LEU B 49 9.02 -26.27 7.54
C LEU B 49 7.55 -25.93 7.56
N GLU B 50 6.77 -26.66 6.79
CA GLU B 50 5.34 -26.37 6.59
C GLU B 50 4.41 -27.37 7.29
N LYS B 51 4.87 -28.59 7.45
CA LYS B 51 4.07 -29.61 8.12
C LYS B 51 5.03 -30.68 8.61
N ILE B 52 4.71 -31.25 9.76
CA ILE B 52 5.48 -32.33 10.32
C ILE B 52 4.55 -33.40 10.89
N TRP B 53 4.92 -34.67 10.68
CA TRP B 53 4.31 -35.81 11.29
C TRP B 53 5.37 -36.53 12.10
N VAL B 54 4.99 -36.92 13.31
CA VAL B 54 5.89 -37.60 14.24
C VAL B 54 5.26 -38.91 14.73
N TRP B 55 6.01 -40.00 14.60
CA TRP B 55 5.63 -41.27 15.13
C TRP B 55 6.52 -41.55 16.34
N VAL B 56 5.94 -42.18 17.35
CA VAL B 56 6.66 -42.48 18.55
C VAL B 56 6.68 -43.97 18.83
N GLY B 57 7.70 -44.38 19.59
CA GLY B 57 7.77 -45.72 20.16
C GLY B 57 8.00 -45.67 21.67
N GLY B 58 8.24 -46.84 22.26
CA GLY B 58 8.42 -46.94 23.69
C GLY B 58 9.60 -46.17 24.21
N TRP B 59 10.68 -46.15 23.43
CA TRP B 59 11.96 -45.67 23.91
C TRP B 59 12.66 -44.79 22.86
N GLN B 60 11.86 -44.21 21.98
CA GLN B 60 12.38 -43.40 20.90
C GLN B 60 11.28 -42.63 20.23
N ILE B 61 11.68 -41.56 19.56
CA ILE B 61 10.95 -41.08 18.39
C ILE B 61 11.26 -42.03 17.23
N LYS B 62 10.19 -42.58 16.64
CA LYS B 62 10.26 -43.65 15.67
C LYS B 62 10.56 -43.12 14.26
N ALA B 63 9.94 -42.01 13.89
CA ALA B 63 10.07 -41.46 12.56
C ALA B 63 9.51 -40.04 12.54
N VAL B 64 9.98 -39.30 11.55
CA VAL B 64 9.51 -37.93 11.27
C VAL B 64 9.32 -37.82 9.77
N ARG B 65 8.17 -37.29 9.36
CA ARG B 65 7.94 -36.89 8.00
C ARG B 65 7.76 -35.37 7.98
N ALA B 66 8.48 -34.72 7.08
CA ALA B 66 8.48 -33.27 7.01
C ALA B 66 8.13 -32.80 5.61
N TRP B 67 7.40 -31.70 5.52
CA TRP B 67 7.08 -31.04 4.26
C TRP B 67 7.65 -29.64 4.33
N LEU B 68 8.38 -29.24 3.29
CA LEU B 68 8.89 -27.88 3.25
C LEU B 68 8.02 -27.07 2.32
N SER B 69 8.07 -25.76 2.49
CA SER B 69 7.21 -24.84 1.75
C SER B 69 7.44 -24.86 0.22
N ASP B 70 8.56 -25.43 -0.25
CA ASP B 70 8.83 -25.61 -1.69
C ASP B 70 8.30 -26.91 -2.26
N GLY B 71 7.49 -27.64 -1.49
CA GLY B 71 6.86 -28.86 -1.98
C GLY B 71 7.64 -30.14 -1.69
N ARG B 72 8.86 -30.05 -1.20
CA ARG B 72 9.59 -31.25 -0.77
C ARG B 72 8.91 -31.95 0.42
N ASP B 73 9.10 -33.26 0.49
CA ASP B 73 8.39 -34.13 1.43
C ASP B 73 9.27 -35.35 1.60
N GLU B 74 9.80 -35.53 2.81
CA GLU B 74 10.63 -36.70 3.09
C GLU B 74 10.33 -37.29 4.45
N THR B 75 10.56 -38.59 4.57
CA THR B 75 10.38 -39.30 5.82
C THR B 75 11.72 -39.84 6.25
N PHE B 76 11.99 -39.78 7.56
CA PHE B 76 13.20 -40.31 8.16
C PHE B 76 12.83 -41.24 9.30
N GLY B 77 13.56 -42.35 9.47
CA GLY B 77 13.13 -43.41 10.36
C GLY B 77 12.00 -44.19 9.72
N VAL B 78 11.51 -45.22 10.41
CA VAL B 78 10.47 -46.07 9.92
C VAL B 78 9.19 -45.98 10.76
N PRO B 79 8.11 -45.44 10.15
CA PRO B 79 6.91 -45.23 10.92
C PRO B 79 6.35 -46.52 11.50
N SER B 80 5.85 -46.41 12.71
CA SER B 80 5.00 -47.42 13.30
C SER B 80 3.93 -46.69 14.08
N GLY B 81 2.71 -47.21 14.05
CA GLY B 81 1.61 -46.65 14.80
C GLY B 81 1.05 -45.42 14.11
N SER B 82 0.29 -44.64 14.87
CA SER B 82 -0.33 -43.42 14.40
C SER B 82 0.68 -42.31 14.51
N HIS B 83 0.45 -41.21 13.78
CA HIS B 83 1.32 -40.04 13.92
C HIS B 83 0.59 -38.88 14.57
N GLN B 84 1.39 -37.96 15.13
CA GLN B 84 0.91 -36.65 15.50
C GLN B 84 1.36 -35.67 14.43
N GLU B 85 0.55 -34.64 14.20
CA GLU B 85 0.75 -33.71 13.14
C GLU B 85 0.85 -32.28 13.65
N TYR B 86 1.74 -31.49 13.07
CA TYR B 86 1.59 -30.03 13.15
C TYR B 86 1.65 -29.43 11.76
N VAL B 87 0.65 -28.59 11.45
CA VAL B 87 0.56 -27.85 10.21
C VAL B 87 0.85 -26.38 10.48
N PHE B 88 1.94 -25.84 9.92
CA PHE B 88 2.30 -24.45 10.11
C PHE B 88 1.69 -23.57 9.00
N THR B 89 1.07 -22.46 9.39
CA THR B 89 0.52 -21.53 8.40
C THR B 89 1.59 -20.51 8.04
N PRO B 90 1.46 -19.86 6.88
CA PRO B 90 2.44 -18.82 6.52
C PRO B 90 2.59 -17.73 7.58
N GLY B 91 3.82 -17.46 7.99
CA GLY B 91 4.09 -16.46 9.02
C GLY B 91 4.14 -17.09 10.43
N GLU B 92 3.72 -18.35 10.56
CA GLU B 92 3.80 -19.02 11.88
C GLU B 92 5.21 -19.43 12.17
N CYS B 93 5.77 -18.86 13.24
CA CYS B 93 7.13 -19.11 13.64
C CYS B 93 7.13 -19.79 14.99
N PHE B 94 8.22 -20.49 15.31
CA PHE B 94 8.38 -21.09 16.62
C PHE B 94 8.64 -19.97 17.61
N THR B 95 8.10 -20.05 18.81
CA THR B 95 8.50 -19.14 19.89
C THR B 95 9.41 -19.88 20.87
N SER B 96 9.25 -21.19 20.95
CA SER B 96 10.17 -21.97 21.77
C SER B 96 10.20 -23.39 21.26
N LEU B 97 11.24 -24.11 21.69
CA LEU B 97 11.45 -25.49 21.32
C LEU B 97 12.30 -26.17 22.39
N SER B 98 11.88 -27.36 22.81
CA SER B 98 12.73 -28.25 23.63
C SER B 98 12.77 -29.62 23.02
N LEU B 99 13.94 -30.23 23.12
CA LEU B 99 14.14 -31.59 22.72
C LEU B 99 14.62 -32.42 23.92
N TRP B 100 14.29 -33.70 23.88
CA TRP B 100 14.83 -34.67 24.82
C TRP B 100 15.43 -35.81 24.07
N GLY B 101 16.49 -36.38 24.61
CA GLY B 101 16.90 -37.71 24.17
C GLY B 101 16.04 -38.77 24.86
N ASN B 102 16.44 -40.03 24.71
CA ASN B 102 15.69 -41.11 25.33
C ASN B 102 16.21 -41.43 26.75
N GLY B 103 17.15 -40.65 27.25
CA GLY B 103 17.68 -40.84 28.59
C GLY B 103 18.94 -41.70 28.52
N ALA B 104 18.98 -42.65 27.61
CA ALA B 104 20.16 -43.51 27.35
C ALA B 104 21.16 -42.90 26.38
N GLY B 105 20.86 -41.73 25.82
CA GLY B 105 21.71 -41.13 24.82
C GLY B 105 21.78 -41.82 23.46
N THR B 106 20.83 -42.69 23.13
CA THR B 106 20.90 -43.42 21.87
C THR B 106 19.81 -43.08 20.85
N ARG B 107 18.79 -42.32 21.26
CA ARG B 107 17.69 -41.92 20.34
C ARG B 107 17.18 -40.56 20.76
N LEU B 108 16.55 -39.85 19.83
CA LEU B 108 15.71 -38.72 20.18
C LEU B 108 14.55 -39.32 20.95
N GLY B 109 14.08 -38.63 21.99
CA GLY B 109 12.98 -39.10 22.81
C GLY B 109 11.74 -38.22 22.84
N ALA B 110 11.91 -36.91 22.66
CA ALA B 110 10.72 -36.02 22.62
C ALA B 110 10.99 -34.69 21.94
N ILE B 111 9.89 -34.10 21.47
CA ILE B 111 9.87 -32.81 20.79
C ILE B 111 8.71 -32.02 21.38
N LYS B 112 9.00 -30.82 21.88
CA LYS B 112 7.99 -29.91 22.36
C LYS B 112 8.24 -28.54 21.80
N PHE B 113 7.21 -27.92 21.25
CA PHE B 113 7.36 -26.57 20.73
C PHE B 113 6.07 -25.76 20.85
N LYS B 114 6.27 -24.44 20.82
CA LYS B 114 5.16 -23.46 20.80
C LYS B 114 5.38 -22.50 19.65
N THR B 115 4.28 -21.92 19.14
CA THR B 115 4.38 -21.04 18.00
C THR B 115 3.79 -19.66 18.27
N ASN B 116 4.11 -18.72 17.38
CA ASN B 116 3.64 -17.35 17.56
C ASN B 116 2.18 -17.19 17.17
N LYS B 117 1.51 -18.28 16.83
CA LYS B 117 0.07 -18.21 16.60
C LYS B 117 -0.69 -18.88 17.74
N GLY B 118 0.01 -19.19 18.83
CA GLY B 118 -0.61 -19.78 20.01
C GLY B 118 -0.63 -21.29 20.08
N GLY B 119 -0.02 -21.96 19.11
CA GLY B 119 -0.04 -23.40 19.04
C GLY B 119 1.02 -24.01 19.95
N GLU B 120 0.78 -25.25 20.30
CA GLU B 120 1.71 -26.06 21.10
C GLU B 120 1.63 -27.50 20.60
N PHE B 121 2.76 -28.20 20.64
CA PHE B 121 2.88 -29.57 20.13
C PHE B 121 3.86 -30.29 21.03
N PHE B 122 3.53 -31.53 21.40
CA PHE B 122 4.39 -32.32 22.26
C PHE B 122 4.24 -33.78 21.85
N ALA B 123 5.32 -34.33 21.29
CA ALA B 123 5.39 -35.73 20.91
C ALA B 123 6.53 -36.40 21.70
N HIS B 124 6.24 -37.53 22.34
CA HIS B 124 7.25 -38.21 23.14
C HIS B 124 7.10 -39.71 23.14
N MET B 125 8.23 -40.36 23.40
CA MET B 125 8.27 -41.79 23.61
C MET B 125 7.30 -42.19 24.72
N THR B 126 6.74 -43.37 24.60
CA THR B 126 5.58 -43.78 25.41
C THR B 126 5.86 -44.59 26.68
N SER B 127 7.04 -45.19 26.79
CA SER B 127 7.36 -46.09 27.93
C SER B 127 8.44 -45.54 28.83
N TRP B 128 9.59 -45.23 28.26
CA TRP B 128 10.71 -44.71 29.05
C TRP B 128 10.42 -43.30 29.48
N GLY B 129 10.88 -42.94 30.68
CA GLY B 129 10.63 -41.63 31.22
C GLY B 129 11.55 -40.59 30.62
N LEU B 130 11.05 -39.36 30.46
CA LEU B 130 11.89 -38.26 29.96
C LEU B 130 12.83 -37.80 31.07
N LYS B 131 14.08 -37.59 30.72
CA LYS B 131 15.13 -37.06 31.60
C LYS B 131 15.46 -35.62 31.24
N THR B 132 16.67 -35.34 30.75
CA THR B 132 17.13 -33.95 30.59
C THR B 132 16.43 -33.26 29.42
N GLU B 133 15.77 -32.13 29.72
CA GLU B 133 15.17 -31.28 28.71
C GLU B 133 16.25 -30.37 28.16
N TYR B 134 16.30 -30.23 26.83
CA TYR B 134 17.21 -29.27 26.20
C TYR B 134 16.43 -28.14 25.49
N PRO B 135 16.30 -26.99 26.15
CA PRO B 135 15.63 -25.85 25.51
C PRO B 135 16.53 -25.18 24.51
N MET B 136 15.94 -24.80 23.37
CA MET B 136 16.67 -24.33 22.22
C MET B 136 16.35 -22.86 21.95
N ASP B 137 17.33 -22.16 21.44
CA ASP B 137 17.14 -20.78 20.94
C ASP B 137 16.62 -20.86 19.51
N VAL B 138 15.38 -20.44 19.28
CA VAL B 138 14.77 -20.55 17.93
C VAL B 138 15.21 -19.43 16.96
N GLY B 139 16.10 -18.56 17.39
CA GLY B 139 16.66 -17.58 16.50
C GLY B 139 15.60 -16.58 16.08
N SER B 140 15.37 -16.48 14.77
CA SER B 140 14.25 -15.68 14.25
C SER B 140 12.88 -16.32 14.48
N GLY B 141 12.87 -17.61 14.80
CA GLY B 141 11.62 -18.43 14.82
C GLY B 141 11.27 -19.14 13.53
N TYR B 142 11.96 -18.79 12.45
CA TYR B 142 11.70 -19.29 11.13
C TYR B 142 12.49 -20.58 10.99
N CYS B 143 11.77 -21.67 10.88
CA CYS B 143 12.36 -23.00 10.83
C CYS B 143 12.56 -23.42 9.39
N LEU B 144 13.82 -23.68 9.04
CA LEU B 144 14.22 -24.08 7.71
C LEU B 144 14.08 -25.58 7.45
N GLY B 145 13.96 -26.36 8.53
CA GLY B 145 13.77 -27.79 8.43
C GLY B 145 14.51 -28.55 9.53
N ILE B 146 14.94 -29.76 9.21
CA ILE B 146 15.42 -30.70 10.20
C ILE B 146 16.70 -31.36 9.69
N VAL B 147 17.54 -31.72 10.63
CA VAL B 147 18.82 -32.36 10.34
C VAL B 147 19.06 -33.39 11.42
N GLY B 148 19.57 -34.56 11.05
CA GLY B 148 19.86 -35.56 12.06
C GLY B 148 20.38 -36.85 11.48
N ARG B 149 20.07 -37.94 12.19
CA ARG B 149 20.40 -39.31 11.79
C ARG B 149 19.18 -40.22 12.02
N GLY B 150 18.91 -41.08 11.04
CA GLY B 150 17.86 -42.07 11.12
C GLY B 150 18.24 -43.43 10.55
N GLY B 151 17.60 -44.47 11.09
CA GLY B 151 17.73 -45.85 10.60
C GLY B 151 16.35 -46.44 10.68
N SER B 152 16.15 -47.37 11.61
CA SER B 152 14.80 -47.80 11.93
C SER B 152 14.07 -46.68 12.65
N ASP B 153 14.81 -45.91 13.47
CA ASP B 153 14.25 -44.87 14.33
C ASP B 153 14.88 -43.52 14.00
N ILE B 154 14.51 -42.48 14.76
CA ILE B 154 15.28 -41.20 14.81
C ILE B 154 16.39 -41.29 15.86
N ASP B 155 17.57 -41.57 15.36
CA ASP B 155 18.75 -41.64 16.22
C ASP B 155 19.06 -40.32 16.89
N CYS B 156 19.00 -39.25 16.09
CA CYS B 156 19.14 -37.92 16.59
C CYS B 156 18.51 -36.93 15.62
N MET B 157 18.13 -35.78 16.14
CA MET B 157 17.59 -34.72 15.29
C MET B 157 17.72 -33.35 15.92
N GLY B 158 17.74 -32.36 15.05
CA GLY B 158 17.62 -30.97 15.46
C GLY B 158 16.77 -30.23 14.44
N PHE B 159 16.21 -29.12 14.87
CA PHE B 159 15.44 -28.21 14.02
C PHE B 159 16.37 -27.06 13.67
N MET B 160 16.55 -26.78 12.37
CA MET B 160 17.35 -25.66 11.96
C MET B 160 16.51 -24.38 11.85
N PHE B 161 17.00 -23.29 12.45
CA PHE B 161 16.36 -21.97 12.39
C PHE B 161 17.26 -20.97 11.72
N LEU B 162 16.66 -20.06 10.97
CA LEU B 162 17.37 -18.85 10.57
C LEU B 162 17.56 -18.03 11.86
N ASN B 163 18.79 -17.56 12.08
CA ASN B 163 19.06 -16.65 13.19
C ASN B 163 18.35 -15.31 13.04
N ALA B 164 18.22 -14.55 14.13
CA ALA B 164 17.56 -13.23 14.07
C ALA B 164 18.07 -12.41 12.88
N VAL B 165 17.11 -11.82 12.17
CA VAL B 165 17.39 -11.10 10.92
C VAL B 165 17.43 -9.57 11.11
N GLN B 166 18.43 -8.95 10.50
CA GLN B 166 18.62 -7.49 10.43
C GLN B 166 17.95 -6.94 9.15
N SER B 167 18.22 -7.59 8.02
CA SER B 167 17.60 -7.22 6.76
C SER B 167 17.40 -8.40 5.82
N THR B 168 16.36 -8.31 5.01
CA THR B 168 16.09 -9.27 3.95
C THR B 168 15.85 -8.46 2.68
N VAL B 169 16.71 -8.60 1.69
CA VAL B 169 16.66 -7.78 0.52
C VAL B 169 16.57 -8.66 -0.72
N LEU B 170 15.66 -8.33 -1.65
CA LEU B 170 15.63 -8.92 -2.97
C LEU B 170 16.45 -7.99 -3.89
N THR B 171 17.53 -8.51 -4.46
CA THR B 171 18.42 -7.65 -5.23
C THR B 171 18.84 -8.37 -6.50
N ASN B 172 19.73 -7.75 -7.26
CA ASN B 172 20.18 -8.33 -8.53
CA ASN B 172 20.19 -8.28 -8.55
C ASN B 172 19.00 -8.78 -9.39
N VAL B 173 18.02 -7.91 -9.53
CA VAL B 173 16.78 -8.30 -10.18
C VAL B 173 16.93 -8.13 -11.70
N ASN B 174 16.64 -9.20 -12.43
CA ASN B 174 16.54 -9.11 -13.89
C ASN B 174 15.16 -9.54 -14.40
N TYR B 175 14.81 -9.05 -15.60
CA TYR B 175 13.58 -9.39 -16.27
C TYR B 175 14.03 -9.97 -17.61
N PRO B 176 14.28 -11.28 -17.65
CA PRO B 176 14.94 -11.84 -18.86
C PRO B 176 14.11 -11.87 -20.15
N THR B 177 12.82 -11.53 -20.10
CA THR B 177 12.01 -11.39 -21.33
C THR B 177 11.73 -9.93 -21.73
N ILE B 178 12.15 -8.96 -20.92
CA ILE B 178 11.79 -7.55 -21.14
C ILE B 178 12.18 -6.99 -22.54
N ASN B 179 13.28 -7.48 -23.11
CA ASN B 179 13.74 -7.05 -24.45
C ASN B 179 12.85 -7.55 -25.60
N GLN B 180 12.33 -8.76 -25.43
CA GLN B 180 11.37 -9.31 -26.39
C GLN B 180 9.98 -8.67 -26.28
N LEU B 181 9.72 -7.89 -25.24
CA LEU B 181 8.35 -7.50 -24.91
C LEU B 181 7.79 -6.35 -25.75
N ILE B 182 6.53 -6.51 -26.16
CA ILE B 182 5.76 -5.49 -26.88
C ILE B 182 4.60 -5.10 -25.95
N PRO B 183 4.61 -3.86 -25.44
CA PRO B 183 3.62 -3.50 -24.39
C PRO B 183 2.27 -2.99 -24.92
N LYS B 184 1.20 -3.43 -24.29
CA LYS B 184 -0.13 -2.82 -24.46
C LYS B 184 -0.16 -1.46 -23.78
N VAL B 185 -0.24 -0.38 -24.55
CA VAL B 185 -0.48 0.96 -24.00
C VAL B 185 -1.92 1.40 -24.29
N ALA B 186 -2.70 1.63 -23.24
CA ALA B 186 -4.05 2.18 -23.39
C ALA B 186 -4.00 3.69 -23.18
N THR B 187 -4.64 4.44 -24.06
CA THR B 187 -4.67 5.91 -23.96
C THR B 187 -5.85 6.37 -23.13
N GLU B 188 -5.59 7.16 -22.09
CA GLU B 188 -6.65 7.77 -21.27
C GLU B 188 -6.77 9.25 -21.65
N GLU B 189 -8.01 9.74 -21.83
CA GLU B 189 -8.24 11.15 -22.13
C GLU B 189 -8.23 11.95 -20.85
N ILE B 190 -7.52 13.07 -20.87
CA ILE B 190 -7.49 13.94 -19.72
C ILE B 190 -8.38 15.14 -19.98
N LYS B 191 -8.17 15.82 -21.09
CA LYS B 191 -9.01 16.97 -21.44
C LYS B 191 -8.83 17.37 -22.90
N SER B 192 -9.87 17.96 -23.47
CA SER B 192 -9.81 18.53 -24.82
C SER B 192 -10.40 19.93 -24.75
N VAL B 193 -9.81 20.83 -25.53
CA VAL B 193 -10.33 22.20 -25.62
C VAL B 193 -10.12 22.70 -27.04
N SER B 194 -10.98 23.63 -27.45
CA SER B 194 -10.88 24.20 -28.78
C SER B 194 -10.66 25.71 -28.62
N PHE B 195 -9.85 26.27 -29.51
CA PHE B 195 -9.71 27.72 -29.62
C PHE B 195 -9.96 28.15 -31.05
N GLU B 196 -10.38 29.40 -31.22
CA GLU B 196 -10.56 30.03 -32.53
C GLU B 196 -9.85 31.38 -32.59
N ASN B 197 -9.12 31.58 -33.69
CA ASN B 197 -8.42 32.85 -33.94
C ASN B 197 -9.04 33.49 -35.17
N LYS B 198 -9.74 34.62 -34.95
CA LYS B 198 -10.46 35.33 -36.01
C LYS B 198 -9.59 36.39 -36.70
N THR B 199 -8.52 36.80 -36.03
CA THR B 199 -7.59 37.78 -36.58
C THR B 199 -6.73 37.14 -37.67
N SER B 200 -6.01 37.98 -38.42
CA SER B 200 -4.97 37.52 -39.36
C SER B 200 -3.68 37.79 -38.56
N VAL B 201 -3.59 37.17 -37.38
CA VAL B 201 -2.50 37.40 -36.45
C VAL B 201 -2.41 36.15 -35.52
N LYS B 202 -1.22 35.54 -35.47
CA LYS B 202 -0.94 34.44 -34.54
C LYS B 202 -1.30 34.77 -33.08
N GLN B 203 -1.90 33.80 -32.41
CA GLN B 203 -2.32 33.93 -31.02
C GLN B 203 -1.81 32.77 -30.15
N GLU B 204 -1.65 33.03 -28.85
CA GLU B 204 -1.21 32.02 -27.89
C GLU B 204 -2.17 31.79 -26.72
N GLN B 205 -2.24 30.54 -26.27
CA GLN B 205 -3.12 30.11 -25.18
C GLN B 205 -2.36 29.18 -24.24
N LYS B 206 -2.44 29.46 -22.94
CA LYS B 206 -1.85 28.60 -21.93
C LYS B 206 -2.89 27.56 -21.54
N VAL B 207 -2.56 26.27 -21.63
CA VAL B 207 -3.40 25.21 -21.10
C VAL B 207 -2.62 24.48 -20.00
N GLU B 208 -3.21 24.41 -18.82
CA GLU B 208 -2.65 23.66 -17.73
C GLU B 208 -3.43 22.37 -17.53
N THR B 209 -2.70 21.29 -17.25
CA THR B 209 -3.29 19.96 -17.09
C THR B 209 -2.81 19.31 -15.81
N SER B 210 -3.71 18.57 -15.17
CA SER B 210 -3.37 17.74 -14.04
C SER B 210 -4.15 16.43 -14.07
N LYS B 211 -3.47 15.39 -13.61
CA LYS B 211 -4.01 14.05 -13.68
C LYS B 211 -3.34 13.19 -12.61
N LYS B 212 -4.16 12.51 -11.81
CA LYS B 212 -3.69 11.59 -10.80
C LYS B 212 -3.22 10.33 -11.49
N VAL B 213 -2.00 9.90 -11.23
CA VAL B 213 -1.59 8.57 -11.71
C VAL B 213 -1.21 7.70 -10.53
N ILE B 214 -1.47 6.40 -10.66
CA ILE B 214 -1.11 5.45 -9.64
C ILE B 214 -0.24 4.36 -10.27
N LYS B 215 1.05 4.40 -9.96
CA LYS B 215 2.01 3.44 -10.48
C LYS B 215 2.17 2.35 -9.45
N THR B 216 2.27 1.11 -9.89
CA THR B 216 2.35 0.00 -8.94
C THR B 216 3.44 -0.98 -9.39
N SER B 217 4.08 -1.59 -8.41
CA SER B 217 5.04 -2.67 -8.63
C SER B 217 4.76 -3.79 -7.68
N SER B 218 4.90 -5.03 -8.14
CA SER B 218 4.94 -6.13 -7.23
C SER B 218 5.79 -7.29 -7.73
N TRP B 219 6.60 -7.81 -6.84
CA TRP B 219 7.43 -8.96 -7.11
C TRP B 219 6.87 -10.09 -6.26
N SER B 220 6.48 -11.20 -6.88
CA SER B 220 5.93 -12.34 -6.13
C SER B 220 7.04 -13.00 -5.27
N MET B 221 6.63 -13.55 -4.14
CA MET B 221 7.52 -14.35 -3.32
C MET B 221 6.70 -15.36 -2.56
N THR B 222 7.31 -16.49 -2.22
CA THR B 222 6.66 -17.51 -1.39
C THR B 222 6.12 -16.86 -0.13
N LYS B 223 4.88 -17.19 0.22
CA LYS B 223 4.14 -16.45 1.24
C LYS B 223 4.69 -16.69 2.63
N SER B 224 5.23 -17.87 2.85
CA SER B 224 5.88 -18.18 4.12
C SER B 224 7.01 -17.17 4.43
N PHE B 225 7.91 -16.96 3.49
CA PHE B 225 9.03 -16.05 3.67
C PHE B 225 8.53 -14.61 3.81
N SER B 226 7.70 -14.17 2.89
CA SER B 226 7.24 -12.77 2.88
C SER B 226 6.31 -12.41 4.05
N SER B 227 5.60 -13.40 4.62
CA SER B 227 4.80 -13.13 5.84
C SER B 227 5.64 -13.00 7.09
N THR B 228 6.79 -13.67 7.13
CA THR B 228 7.67 -13.62 8.29
C THR B 228 8.65 -12.45 8.27
N PHE B 229 9.15 -12.09 7.10
CA PHE B 229 10.21 -11.10 6.98
C PHE B 229 9.72 -9.89 6.16
N SER B 230 10.21 -8.71 6.50
CA SER B 230 9.99 -7.51 5.70
C SER B 230 11.04 -7.49 4.59
N VAL B 231 10.61 -7.81 3.38
CA VAL B 231 11.52 -7.84 2.26
C VAL B 231 11.60 -6.48 1.56
N GLU B 232 12.79 -5.91 1.53
CA GLU B 232 13.08 -4.70 0.79
C GLU B 232 13.53 -5.13 -0.61
N VAL B 233 13.14 -4.39 -1.63
CA VAL B 233 13.52 -4.71 -3.00
C VAL B 233 14.47 -3.63 -3.46
N SER B 234 15.63 -4.04 -3.95
CA SER B 234 16.58 -3.15 -4.60
C SER B 234 16.58 -3.46 -6.11
N ALA B 235 15.80 -2.72 -6.88
CA ALA B 235 15.63 -3.06 -8.30
C ALA B 235 15.29 -1.87 -9.15
N GLY B 236 15.52 -2.04 -10.44
CA GLY B 236 14.99 -1.17 -11.46
C GLY B 236 13.59 -1.68 -11.78
N ILE B 237 12.76 -0.74 -12.20
CA ILE B 237 11.34 -0.95 -12.45
C ILE B 237 11.14 -0.77 -13.95
N PRO B 238 10.42 -1.70 -14.58
CA PRO B 238 10.08 -1.47 -15.97
C PRO B 238 9.32 -0.13 -16.12
N GLU B 239 9.70 0.60 -17.16
CA GLU B 239 9.16 1.92 -17.46
C GLU B 239 8.81 2.00 -18.92
N ILE B 240 7.91 2.92 -19.25
CA ILE B 240 7.42 3.08 -20.61
C ILE B 240 7.46 4.53 -21.07
N ALA B 241 7.98 4.72 -22.27
CA ALA B 241 7.95 6.03 -22.91
C ALA B 241 7.44 5.86 -24.35
N GLU B 242 6.83 6.92 -24.88
CA GLU B 242 6.38 6.92 -26.27
C GLU B 242 7.46 7.53 -27.16
N VAL B 243 8.13 6.69 -27.96
CA VAL B 243 9.14 7.14 -28.92
C VAL B 243 8.41 7.66 -30.16
N SER B 244 9.09 8.43 -31.01
CA SER B 244 8.54 8.82 -32.32
C SER B 244 8.24 7.58 -33.19
N THR B 245 9.04 6.53 -33.03
CA THR B 245 8.81 5.25 -33.70
C THR B 245 7.62 4.47 -33.10
N GLY B 246 7.54 4.39 -31.76
CA GLY B 246 6.46 3.67 -31.09
C GLY B 246 6.52 3.68 -29.56
N PHE B 247 6.62 2.49 -28.95
CA PHE B 247 6.60 2.34 -27.49
C PHE B 247 7.78 1.54 -26.92
N SER B 248 8.69 2.26 -26.26
CA SER B 248 9.84 1.66 -25.60
C SER B 248 9.47 1.03 -24.25
N ILE B 249 10.12 -0.10 -23.93
CA ILE B 249 10.13 -0.61 -22.55
C ILE B 249 11.56 -0.64 -22.04
N SER B 250 11.90 0.30 -21.18
CA SER B 250 13.21 0.31 -20.56
C SER B 250 13.16 -0.18 -19.10
N PHE B 251 14.23 -0.86 -18.72
CA PHE B 251 14.66 -0.96 -17.33
C PHE B 251 14.71 0.48 -16.81
N GLY B 252 14.59 0.64 -15.50
CA GLY B 252 14.86 1.91 -14.84
C GLY B 252 16.14 1.75 -14.03
N VAL B 253 16.57 2.81 -13.35
CA VAL B 253 17.76 2.71 -12.50
C VAL B 253 17.34 2.16 -11.14
N GLU B 254 18.19 1.30 -10.59
CA GLU B 254 17.94 0.61 -9.34
C GLU B 254 17.68 1.53 -8.15
N SER B 255 16.60 1.27 -7.43
CA SER B 255 16.34 1.92 -6.16
C SER B 255 15.61 0.97 -5.22
N THR B 256 15.29 1.46 -4.02
CA THR B 256 14.63 0.68 -2.98
C THR B 256 13.09 0.74 -3.08
N HIS B 257 12.44 -0.42 -3.00
CA HIS B 257 10.99 -0.55 -2.98
C HIS B 257 10.55 -1.57 -1.93
N SER B 258 9.24 -1.68 -1.73
CA SER B 258 8.66 -2.76 -0.95
C SER B 258 8.22 -3.81 -1.98
N LEU B 259 7.91 -5.04 -1.54
CA LEU B 259 7.50 -6.09 -2.48
C LEU B 259 6.22 -5.75 -3.20
N GLU B 260 5.33 -5.03 -2.51
CA GLU B 260 4.10 -4.53 -3.10
C GLU B 260 4.19 -3.05 -2.88
N GLN B 261 4.24 -2.28 -3.96
CA GLN B 261 4.50 -0.86 -3.92
C GLN B 261 3.51 -0.14 -4.80
N THR B 262 2.87 0.89 -4.24
CA THR B 262 2.02 1.81 -4.95
C THR B 262 2.52 3.24 -4.74
N ASP B 263 2.56 4.02 -5.81
CA ASP B 263 2.98 5.41 -5.75
C ASP B 263 1.99 6.28 -6.52
N GLU B 264 1.20 7.05 -5.77
CA GLU B 264 0.25 8.02 -6.32
C GLU B 264 0.96 9.35 -6.56
N LYS B 265 0.65 10.03 -7.66
CA LYS B 265 0.99 11.45 -7.77
C LYS B 265 0.06 12.22 -8.72
N ASN B 266 0.07 13.56 -8.60
CA ASN B 266 -0.62 14.44 -9.51
C ASN B 266 0.38 14.77 -10.63
N GLU B 267 0.26 14.11 -11.78
CA GLU B 267 1.08 14.45 -12.96
C GLU B 267 0.50 15.71 -13.58
N THR B 268 1.38 16.66 -13.89
CA THR B 268 0.95 17.97 -14.38
C THR B 268 1.73 18.42 -15.63
N LEU B 269 1.13 19.32 -16.38
CA LEU B 269 1.76 19.85 -17.59
C LEU B 269 1.23 21.27 -17.85
N THR B 270 2.11 22.18 -18.26
CA THR B 270 1.70 23.47 -18.78
C THR B 270 2.12 23.52 -20.25
N THR B 271 1.17 23.86 -21.13
CA THR B 271 1.38 23.88 -22.56
C THR B 271 1.02 25.27 -23.09
N THR B 272 1.85 25.79 -23.99
CA THR B 272 1.53 27.04 -24.69
C THR B 272 1.09 26.62 -26.07
N VAL B 273 -0.17 26.89 -26.40
CA VAL B 273 -0.71 26.46 -27.67
C VAL B 273 -0.75 27.65 -28.63
N GLU B 274 -0.24 27.42 -29.84
CA GLU B 274 -0.22 28.45 -30.85
C GLU B 274 -1.39 28.27 -31.81
N VAL B 275 -2.18 29.33 -31.95
CA VAL B 275 -3.35 29.35 -32.80
C VAL B 275 -3.03 30.23 -34.03
N PRO B 276 -2.78 29.61 -35.20
CA PRO B 276 -2.44 30.46 -36.35
C PRO B 276 -3.65 31.26 -36.81
N PRO B 277 -3.42 32.46 -37.39
CA PRO B 277 -4.50 33.34 -37.84
C PRO B 277 -5.63 32.61 -38.58
N LYS B 278 -6.88 32.93 -38.24
CA LYS B 278 -8.04 32.43 -38.98
C LYS B 278 -8.11 30.91 -39.02
N LYS B 279 -7.76 30.30 -37.88
CA LYS B 279 -7.81 28.85 -37.74
C LYS B 279 -8.52 28.46 -36.44
N LYS B 280 -9.17 27.29 -36.46
CA LYS B 280 -9.58 26.58 -35.25
C LYS B 280 -8.41 25.68 -34.83
N VAL B 281 -8.17 25.56 -33.54
CA VAL B 281 -7.22 24.56 -33.06
C VAL B 281 -7.86 23.73 -31.95
N ASP B 282 -7.92 22.42 -32.17
CA ASP B 282 -8.34 21.47 -31.13
C ASP B 282 -7.13 20.86 -30.43
N VAL B 283 -7.16 20.92 -29.10
CA VAL B 283 -6.10 20.43 -28.24
C VAL B 283 -6.63 19.16 -27.55
N HIS B 284 -5.90 18.06 -27.71
CA HIS B 284 -6.28 16.79 -27.11
C HIS B 284 -5.17 16.29 -26.19
N ILE B 285 -5.46 16.25 -24.89
CA ILE B 285 -4.46 15.95 -23.89
C ILE B 285 -4.76 14.57 -23.31
N THR B 286 -3.76 13.71 -23.34
CA THR B 286 -3.93 12.30 -22.99
C THR B 286 -2.71 11.75 -22.25
N ILE B 287 -2.85 10.54 -21.73
CA ILE B 287 -1.74 9.86 -21.10
C ILE B 287 -1.86 8.36 -21.39
N GLY B 288 -0.71 7.73 -21.53
CA GLY B 288 -0.64 6.32 -21.81
C GLY B 288 -0.41 5.52 -20.54
N ARG B 289 -1.16 4.42 -20.42
CA ARG B 289 -1.06 3.49 -19.33
C ARG B 289 -0.67 2.09 -19.84
N ALA B 290 0.32 1.47 -19.19
CA ALA B 290 0.82 0.13 -19.54
C ALA B 290 0.74 -0.79 -18.33
N SER B 291 0.27 -2.01 -18.56
CA SER B 291 0.37 -3.09 -17.56
C SER B 291 1.48 -4.09 -17.93
N PHE B 292 2.50 -4.19 -17.09
CA PHE B 292 3.51 -5.27 -17.22
C PHE B 292 3.09 -6.50 -16.42
N ASP B 293 3.34 -7.67 -17.00
CA ASP B 293 3.22 -8.92 -16.28
C ASP B 293 4.29 -9.84 -16.83
N LEU B 294 5.47 -9.85 -16.19
CA LEU B 294 6.59 -10.64 -16.71
C LEU B 294 7.43 -11.32 -15.64
N PRO B 295 8.18 -12.36 -16.04
CA PRO B 295 9.01 -13.05 -15.07
C PRO B 295 10.21 -12.24 -14.61
N TYR B 296 10.62 -12.46 -13.37
CA TYR B 296 11.85 -11.90 -12.90
C TYR B 296 12.66 -12.99 -12.20
N THR B 297 13.95 -12.74 -12.15
CA THR B 297 14.86 -13.49 -11.33
C THR B 297 15.58 -12.50 -10.43
N GLY B 298 16.05 -13.00 -9.30
CA GLY B 298 16.93 -12.25 -8.47
C GLY B 298 17.58 -13.06 -7.38
N THR B 299 18.17 -12.34 -6.46
CA THR B 299 18.95 -12.90 -5.35
C THR B 299 18.36 -12.37 -4.05
N VAL B 300 17.90 -13.27 -3.18
CA VAL B 300 17.53 -12.90 -1.85
C VAL B 300 18.77 -12.89 -0.97
N LYS B 301 19.02 -11.75 -0.35
CA LYS B 301 20.12 -11.59 0.60
C LYS B 301 19.61 -11.32 2.01
N ILE B 302 19.85 -12.29 2.88
CA ILE B 302 19.46 -12.21 4.30
C ILE B 302 20.70 -11.88 5.08
N THR B 303 20.64 -10.79 5.87
CA THR B 303 21.74 -10.43 6.73
C THR B 303 21.26 -10.54 8.15
N CYS B 304 21.96 -11.39 8.91
CA CYS B 304 21.55 -11.68 10.26
C CYS B 304 22.09 -10.63 11.21
N LYS B 305 21.44 -10.51 12.35
CA LYS B 305 21.89 -9.65 13.41
C LYS B 305 23.34 -9.94 13.80
N ASN B 306 23.71 -11.21 13.74
CA ASN B 306 25.05 -11.60 14.11
C ASN B 306 26.09 -11.36 13.05
N GLY B 307 25.73 -10.67 11.97
CA GLY B 307 26.64 -10.34 10.85
C GLY B 307 26.77 -11.34 9.73
N SER B 308 26.27 -12.56 9.94
CA SER B 308 26.36 -13.57 8.91
C SER B 308 25.31 -13.33 7.83
N VAL B 309 25.49 -13.99 6.70
CA VAL B 309 24.63 -13.80 5.55
CA VAL B 309 24.63 -13.80 5.54
C VAL B 309 24.15 -15.14 4.99
N LEU B 310 22.91 -15.15 4.53
CA LEU B 310 22.40 -16.27 3.77
C LEU B 310 21.84 -15.72 2.46
N GLN B 311 22.29 -16.27 1.35
CA GLN B 311 21.90 -15.82 0.02
C GLN B 311 21.39 -16.96 -0.80
N TYR B 312 20.39 -16.72 -1.64
CA TYR B 312 19.94 -17.72 -2.62
C TYR B 312 19.24 -17.04 -3.77
N GLU B 313 19.24 -17.73 -4.91
CA GLU B 313 18.57 -17.24 -6.11
C GLU B 313 17.09 -17.51 -6.03
N THR B 314 16.30 -16.65 -6.68
CA THR B 314 14.85 -16.84 -6.69
C THR B 314 14.32 -16.39 -8.05
N LYS B 315 13.08 -16.77 -8.29
CA LYS B 315 12.38 -16.37 -9.49
C LYS B 315 10.93 -16.14 -9.14
N GLY B 316 10.29 -15.29 -9.91
CA GLY B 316 8.89 -15.05 -9.71
C GLY B 316 8.30 -14.22 -10.81
N GLN B 317 7.17 -13.59 -10.50
CA GLN B 317 6.46 -12.78 -11.47
C GLN B 317 6.44 -11.34 -10.98
N TYR B 318 6.82 -10.42 -11.87
CA TYR B 318 6.67 -9.00 -11.62
C TYR B 318 5.40 -8.52 -12.30
N LYS B 319 4.59 -7.73 -11.57
CA LYS B 319 3.43 -7.07 -12.11
C LYS B 319 3.57 -5.59 -11.85
N GLY B 320 3.37 -4.80 -12.91
CA GLY B 320 3.55 -3.37 -12.85
C GLY B 320 2.46 -2.63 -13.59
N VAL B 321 2.18 -1.41 -13.14
CA VAL B 321 1.37 -0.43 -13.88
C VAL B 321 2.25 0.79 -14.04
N ALA B 322 2.42 1.22 -15.28
CA ALA B 322 3.21 2.40 -15.55
C ALA B 322 2.52 3.31 -16.56
N TYR B 323 3.00 4.54 -16.60
CA TYR B 323 2.39 5.58 -17.41
C TYR B 323 3.43 6.30 -18.21
N THR B 324 3.04 6.76 -19.40
CA THR B 324 3.86 7.65 -20.19
C THR B 324 3.75 9.05 -19.59
N ASP B 325 4.54 9.96 -20.12
CA ASP B 325 4.30 11.38 -19.91
C ASP B 325 2.91 11.76 -20.46
N ILE B 326 2.37 12.85 -19.96
CA ILE B 326 1.17 13.44 -20.54
C ILE B 326 1.49 13.90 -21.95
N LYS B 327 0.59 13.66 -22.90
CA LYS B 327 0.81 14.01 -24.30
C LYS B 327 -0.20 15.03 -24.75
N VAL B 328 0.24 15.96 -25.59
CA VAL B 328 -0.61 16.97 -26.21
C VAL B 328 -0.55 16.78 -27.72
N ASN B 329 -1.70 16.60 -28.35
CA ASN B 329 -1.83 16.60 -29.81
C ASN B 329 -2.76 17.72 -30.22
N THR B 330 -2.30 18.61 -31.10
CA THR B 330 -3.13 19.70 -31.61
C THR B 330 -3.45 19.51 -33.09
N VAL B 331 -4.70 19.74 -33.46
CA VAL B 331 -5.11 19.67 -34.87
C VAL B 331 -5.76 21.00 -35.27
N GLU B 332 -5.51 21.44 -36.51
CA GLU B 332 -6.04 22.74 -36.96
C GLU B 332 -6.87 22.72 -38.25
N LYS B 333 -7.82 23.64 -38.31
CA LYS B 333 -8.78 23.78 -39.40
C LYS B 333 -9.00 25.25 -39.70
N ASP B 334 -9.77 25.56 -40.74
CA ASP B 334 -10.03 26.93 -41.16
C ASP B 334 -11.41 27.43 -40.67
N LEU B 335 -11.39 28.46 -39.82
CA LEU B 335 -12.61 29.12 -39.30
C LEU B 335 -12.32 29.76 -37.95
C1 GLC C . -39.30 35.02 -15.11
C2 GLC C . -38.45 36.02 -14.34
C3 GLC C . -37.43 36.67 -15.26
C4 GLC C . -36.57 35.60 -15.94
C5 GLC C . -37.42 34.54 -16.63
C6 GLC C . -36.55 33.35 -17.10
O2 GLC C . -39.30 36.99 -13.76
O3 GLC C . -36.59 37.54 -14.51
O4 GLC C . -35.69 36.19 -16.89
O5 GLC C . -38.42 34.05 -15.72
O6 GLC C . -36.12 32.63 -15.91
C1 FRU C . -42.40 35.99 -15.49
C2 FRU C . -41.41 35.39 -16.49
C3 FRU C . -41.71 35.94 -17.88
C4 FRU C . -41.03 34.94 -18.79
C5 FRU C . -41.42 33.64 -18.15
C6 FRU C . -40.39 32.57 -18.50
O1 FRU C . -42.84 35.00 -14.54
O2 FRU C . -40.05 35.76 -16.09
O3 FRU C . -41.17 37.25 -18.03
O4 FRU C . -41.45 34.96 -20.17
O5 FRU C . -41.56 33.97 -16.74
O6 FRU C . -40.00 32.52 -19.90
C1 GLC D . 18.99 -49.61 12.83
C2 GLC D . 20.30 -49.04 12.27
C3 GLC D . 21.11 -48.39 13.36
C4 GLC D . 20.24 -47.35 14.04
C5 GLC D . 18.89 -47.89 14.52
C6 GLC D . 17.96 -46.76 14.99
O2 GLC D . 21.09 -50.09 11.72
O3 GLC D . 22.30 -47.81 12.81
O4 GLC D . 20.98 -46.86 15.15
O5 GLC D . 18.24 -48.56 13.45
O6 GLC D . 17.66 -45.90 13.86
C1 FRU D . 18.49 -52.68 12.93
C2 FRU D . 18.43 -51.67 14.08
C3 FRU D . 18.82 -52.36 15.40
C4 FRU D . 17.90 -51.65 16.39
C5 FRU D . 16.63 -51.63 15.60
C6 FRU D . 15.55 -50.72 16.19
O1 FRU D . 17.48 -53.67 13.19
O2 FRU D . 19.33 -50.56 13.84
O3 FRU D . 20.22 -52.25 15.74
O4 FRU D . 17.72 -52.33 17.62
O5 FRU D . 17.06 -51.25 14.28
O6 FRU D . 16.06 -49.51 16.75
CL CL E . -27.06 33.45 -26.92
CL CL F . 19.50 -38.93 26.29
N1 EPE G . 17.04 -51.47 24.33
C2 EPE G . 15.74 -50.84 24.27
C3 EPE G . 14.65 -51.80 23.79
N4 EPE G . 14.77 -53.08 24.50
C5 EPE G . 16.09 -53.71 24.56
C6 EPE G . 17.15 -52.72 25.08
C7 EPE G . 13.62 -53.79 25.10
C8 EPE G . 12.29 -53.43 24.42
O8 EPE G . 11.60 -52.42 25.17
C9 EPE G . 18.22 -50.81 23.72
C10 EPE G . 18.44 -49.55 24.53
S EPE G . 19.86 -48.70 24.31
O1S EPE G . 19.91 -47.87 23.09
O2S EPE G . 21.08 -49.55 24.31
O3S EPE G . 19.92 -47.81 25.49
#